data_4OLB
#
_entry.id   4OLB
#
_cell.length_a   63.207
_cell.length_b   106.747
_cell.length_c   68.341
_cell.angle_alpha   90.00
_cell.angle_beta   107.01
_cell.angle_gamma   90.00
#
_symmetry.space_group_name_H-M   'P 1 21 1'
#
loop_
_entity.id
_entity.type
_entity.pdbx_description
1 polymer 'Protein argonaute-2'
2 polymer "5'-R(P*AP*AP*AP*AP*AP*AP*AP*AP*AP*U)-3'"
3 non-polymer TRYPTOPHAN
4 water water
#
loop_
_entity_poly.entity_id
_entity_poly.type
_entity_poly.pdbx_seq_one_letter_code
_entity_poly.pdbx_strand_id
1 'polypeptide(L)'
;MYSGAGPALAPPAPPPPIQGYAFKPPPRPDFGTSGRTIKLQANFFEMDIPKIDIYHYELDIKPEKCPRRVNREIVEHMVQ
HFKTQIFGDRKPVFDGRKNLYTAMPLPIGRDKVELEVTLPGEGKDRIFKVSIKWVSCVSLQALHDALSGRLPSVPFETIQ
ALDVVMRHLPSMRYTPVGRSFFTASEGCSNPLGGGREVWFGFHQSVRPSLWKMMLNIDVSATAFYKAQPVIEFVCEVLDF
KSIEEQQKPLTDSQRVKFTKEIKGLKVEITHCGQMKRKYRVCNVTRRPASHQTFPLQQESGQTVECTVAQYFKDRHKLVL
RYPHLPCLQVGQEQKHTYLPLEVCNIVAGQRCIKKLTDNQTSTMIRATARSAPDRQEEISKLMRSADFNTDPYVREFGIM
VKDEMTDVTGRVLQPPSILYGGRNKAIATPVQGVWDMRNKQFHTGIEIKVWAIACFAPQRQCTEVHLKSFTEQLRKISRD
AGMPIQGQPCFCKYAQGADSVEPMFRHLKNTYAGLQLVVVILPGKTPVYAEVKRVGDTVLGMATQCVQMKNVQRTTPQTL
SNLCLKINVKLGGVNNILLPQGRPPVFQQPVIFLGADVTHPPAGDGKKPSIAAVVGSMDAHPNRYCATVRVQQHRQEIIQ
DLAAMVRELLIQFYKSTRFKPTRIIFYRDGVSEGQFQQVLHHELLAIREACIKLEKDYQPGITFIVVQKRHHTRLFCTDK
NERVGKSGNIPAGTTVDTKITHPTEFDFYLCSHAGIQGTSRPSHYHVLWDDNRFSSDELQILTYQLCHTYVRCTRSVSIP
APAYYAHLVAFRARYHLVDKEHDSAEGSHTSGQSNGRDHQALAKAVQVHQDTLRTMYFA
;
A
2 'polyribonucleotide' AAAAAAAAAU B
#
# COMPACT_ATOMS: atom_id res chain seq x y z
N ALA A 22 13.04 -10.04 21.72
CA ALA A 22 11.87 -9.99 20.85
C ALA A 22 10.60 -9.71 21.65
N PHE A 23 10.54 -8.55 22.30
CA PHE A 23 9.45 -8.28 23.22
C PHE A 23 8.96 -6.84 23.22
N LYS A 24 9.75 -5.93 23.80
CA LYS A 24 9.29 -4.58 24.04
C LYS A 24 10.13 -3.56 23.28
N PRO A 25 9.45 -2.65 22.55
CA PRO A 25 10.13 -1.56 21.84
C PRO A 25 10.90 -0.68 22.82
N PRO A 26 12.11 -0.26 22.44
CA PRO A 26 12.95 0.56 23.31
C PRO A 26 12.32 1.93 23.53
N PRO A 27 12.65 2.59 24.66
CA PRO A 27 12.15 3.94 24.89
C PRO A 27 12.83 4.92 23.96
N ARG A 28 12.26 6.11 23.79
CA ARG A 28 12.89 7.13 22.98
C ARG A 28 14.18 7.56 23.67
N PRO A 29 15.32 7.36 22.99
CA PRO A 29 16.63 7.64 23.58
C PRO A 29 16.83 9.14 23.84
N ASP A 30 16.52 9.97 22.85
CA ASP A 30 16.66 11.41 22.99
C ASP A 30 15.81 12.11 21.93
N PHE A 31 15.91 13.43 21.88
CA PHE A 31 15.24 14.20 20.86
C PHE A 31 16.24 14.78 19.87
N GLY A 32 15.93 14.67 18.58
CA GLY A 32 16.80 15.17 17.54
C GLY A 32 17.00 16.67 17.64
N THR A 33 18.20 17.13 17.29
CA THR A 33 18.53 18.55 17.35
C THR A 33 19.17 19.03 16.05
N SER A 34 19.43 18.10 15.13
CA SER A 34 20.07 18.44 13.86
C SER A 34 19.08 19.08 12.88
N GLY A 35 19.60 19.94 12.01
CA GLY A 35 18.77 20.60 11.01
C GLY A 35 18.21 21.92 11.49
N ARG A 36 17.80 22.77 10.55
CA ARG A 36 17.20 24.05 10.90
C ARG A 36 15.72 23.90 11.20
N THR A 37 15.24 24.63 12.20
CA THR A 37 13.85 24.52 12.63
C THR A 37 12.89 25.14 11.62
N ILE A 38 11.67 24.64 11.59
CA ILE A 38 10.65 25.11 10.68
C ILE A 38 9.27 24.93 11.32
N LYS A 39 8.42 25.94 11.21
CA LYS A 39 7.10 25.86 11.82
C LYS A 39 6.11 25.08 10.96
N LEU A 40 5.54 24.04 11.56
CA LEU A 40 4.60 23.18 10.86
C LEU A 40 3.26 23.11 11.58
N GLN A 41 2.26 22.59 10.87
CA GLN A 41 0.98 22.27 11.47
C GLN A 41 0.58 20.88 11.01
N ALA A 42 0.05 20.07 11.92
CA ALA A 42 -0.37 18.72 11.57
C ALA A 42 -1.88 18.56 11.69
N ASN A 43 -2.44 17.65 10.92
CA ASN A 43 -3.87 17.36 11.01
C ASN A 43 -4.20 16.55 12.26
N PHE A 44 -3.57 16.93 13.36
CA PHE A 44 -3.84 16.36 14.67
C PHE A 44 -4.51 17.43 15.51
N PHE A 45 -5.66 17.11 16.08
CA PHE A 45 -6.42 18.07 16.87
C PHE A 45 -6.48 17.63 18.32
N GLU A 46 -6.00 18.49 19.21
CA GLU A 46 -5.91 18.17 20.63
C GLU A 46 -7.27 17.86 21.25
N MET A 47 -7.30 16.84 22.10
CA MET A 47 -8.53 16.41 22.74
C MET A 47 -8.48 16.68 24.24
N ASP A 48 -9.41 17.50 24.72
CA ASP A 48 -9.56 17.70 26.15
C ASP A 48 -10.47 16.61 26.69
N ILE A 49 -9.90 15.74 27.52
CA ILE A 49 -10.61 14.55 27.99
C ILE A 49 -10.70 14.51 29.51
N PRO A 50 -11.92 14.28 30.03
CA PRO A 50 -12.14 14.25 31.48
C PRO A 50 -11.40 13.12 32.17
N LYS A 51 -11.30 13.20 33.49
CA LYS A 51 -10.54 12.22 34.27
C LYS A 51 -11.46 11.15 34.86
N ILE A 52 -12.68 11.08 34.34
CA ILE A 52 -13.70 10.19 34.88
C ILE A 52 -13.44 8.72 34.54
N ASP A 53 -14.38 7.87 34.95
CA ASP A 53 -14.38 6.47 34.53
C ASP A 53 -15.41 6.29 33.42
N ILE A 54 -15.05 5.51 32.41
CA ILE A 54 -15.99 5.13 31.37
C ILE A 54 -16.52 3.73 31.68
N TYR A 55 -17.82 3.54 31.53
CA TYR A 55 -18.43 2.25 31.84
C TYR A 55 -18.63 1.37 30.63
N HIS A 56 -18.14 0.15 30.73
CA HIS A 56 -18.03 -0.77 29.61
C HIS A 56 -18.94 -1.97 29.77
N TYR A 57 -19.90 -2.08 28.86
CA TYR A 57 -20.83 -3.20 28.86
C TYR A 57 -20.63 -4.08 27.63
N GLU A 58 -20.94 -5.36 27.79
CA GLU A 58 -20.87 -6.30 26.68
C GLU A 58 -22.27 -6.54 26.14
N LEU A 59 -22.37 -6.81 24.84
CA LEU A 59 -23.65 -7.07 24.21
C LEU A 59 -23.65 -8.39 23.45
N ASP A 60 -24.50 -9.31 23.89
CA ASP A 60 -24.73 -10.54 23.14
C ASP A 60 -26.03 -10.41 22.35
N ILE A 61 -25.91 -10.07 21.08
CA ILE A 61 -27.06 -10.02 20.19
C ILE A 61 -27.24 -11.39 19.53
N LYS A 62 -28.44 -11.94 19.61
CA LYS A 62 -28.70 -13.22 18.99
C LYS A 62 -29.87 -13.14 18.01
N PRO A 63 -29.62 -13.44 16.72
CA PRO A 63 -28.39 -13.97 16.12
C PRO A 63 -27.16 -13.05 16.14
N GLU A 64 -25.99 -13.67 16.05
CA GLU A 64 -24.71 -12.97 16.21
C GLU A 64 -23.91 -12.99 14.92
N LYS A 65 -24.55 -12.80 13.78
CA LYS A 65 -23.76 -12.77 12.55
C LYS A 65 -24.23 -11.66 11.66
N CYS A 66 -25.10 -10.84 12.23
CA CYS A 66 -25.65 -9.71 11.53
C CYS A 66 -24.51 -8.76 11.18
N PRO A 67 -24.66 -8.04 10.06
CA PRO A 67 -23.71 -6.99 9.69
C PRO A 67 -23.69 -5.90 10.76
N ARG A 68 -22.57 -5.20 10.89
CA ARG A 68 -22.38 -4.20 11.93
C ARG A 68 -23.44 -3.10 11.91
N ARG A 69 -23.94 -2.80 10.71
CA ARG A 69 -24.97 -1.77 10.57
C ARG A 69 -26.27 -2.18 11.27
N VAL A 70 -26.69 -3.41 11.03
CA VAL A 70 -27.90 -3.94 11.67
C VAL A 70 -27.76 -3.93 13.18
N ASN A 71 -26.60 -4.35 13.67
CA ASN A 71 -26.29 -4.30 15.10
C ASN A 71 -26.46 -2.90 15.67
N ARG A 72 -26.04 -1.91 14.89
CA ARG A 72 -26.15 -0.51 15.30
C ARG A 72 -27.60 -0.04 15.30
N GLU A 73 -28.40 -0.53 14.35
CA GLU A 73 -29.82 -0.24 14.32
C GLU A 73 -30.50 -0.85 15.54
N ILE A 74 -30.15 -2.09 15.83
CA ILE A 74 -30.67 -2.82 16.98
C ILE A 74 -30.38 -2.06 18.27
N VAL A 75 -29.12 -1.72 18.49
CA VAL A 75 -28.71 -0.97 19.67
C VAL A 75 -29.42 0.37 19.76
N GLU A 76 -29.52 1.06 18.62
CA GLU A 76 -30.17 2.37 18.56
C GLU A 76 -31.63 2.30 19.03
N HIS A 77 -32.40 1.38 18.46
CA HIS A 77 -33.79 1.19 18.85
C HIS A 77 -33.87 0.69 20.29
N MET A 78 -32.95 -0.19 20.66
CA MET A 78 -32.92 -0.77 22.00
C MET A 78 -32.79 0.32 23.06
N VAL A 79 -31.96 1.33 22.78
CA VAL A 79 -31.73 2.42 23.71
C VAL A 79 -33.00 3.25 23.92
N GLN A 80 -33.66 3.63 22.83
CA GLN A 80 -34.87 4.44 22.91
C GLN A 80 -36.05 3.68 23.49
N HIS A 81 -36.21 2.42 23.07
CA HIS A 81 -37.37 1.62 23.45
C HIS A 81 -37.39 1.32 24.94
N PHE A 82 -36.21 1.40 25.54
CA PHE A 82 -36.00 0.98 26.91
C PHE A 82 -35.46 2.17 27.72
N LYS A 83 -35.91 3.35 27.31
CA LYS A 83 -35.51 4.61 27.93
C LYS A 83 -35.95 4.67 29.38
N THR A 84 -37.23 4.38 29.62
CA THR A 84 -37.83 4.48 30.94
C THR A 84 -37.13 3.60 31.98
N GLN A 85 -36.84 2.36 31.61
CA GLN A 85 -36.35 1.39 32.58
C GLN A 85 -34.84 1.20 32.62
N ILE A 86 -34.14 1.55 31.54
CA ILE A 86 -32.71 1.26 31.49
C ILE A 86 -31.82 2.48 31.17
N PHE A 87 -32.02 3.06 30.00
CA PHE A 87 -31.08 4.06 29.49
C PHE A 87 -31.34 5.51 29.89
N GLY A 88 -32.60 5.83 30.18
CA GLY A 88 -32.96 7.16 30.66
C GLY A 88 -32.52 8.29 29.74
N ASP A 89 -31.73 9.22 30.28
CA ASP A 89 -31.24 10.35 29.51
C ASP A 89 -29.83 10.10 28.99
N ARG A 90 -29.26 8.96 29.36
CA ARG A 90 -27.90 8.61 28.97
C ARG A 90 -27.80 8.34 27.47
N LYS A 91 -26.71 8.81 26.88
CA LYS A 91 -26.42 8.53 25.47
C LYS A 91 -25.23 7.59 25.37
N PRO A 92 -25.50 6.30 25.13
CA PRO A 92 -24.42 5.30 25.04
C PRO A 92 -23.83 5.22 23.65
N VAL A 93 -22.58 4.78 23.55
CA VAL A 93 -21.94 4.56 22.26
C VAL A 93 -21.71 3.07 22.03
N PHE A 94 -21.59 2.69 20.76
CA PHE A 94 -21.56 1.28 20.38
C PHE A 94 -20.54 1.00 19.28
N ASP A 95 -19.80 -0.09 19.41
CA ASP A 95 -18.69 -0.38 18.49
C ASP A 95 -19.08 -1.23 17.28
N GLY A 96 -20.37 -1.52 17.15
CA GLY A 96 -20.85 -2.29 16.01
C GLY A 96 -20.93 -3.79 16.27
N ARG A 97 -20.24 -4.26 17.30
CA ARG A 97 -20.22 -5.70 17.59
C ARG A 97 -20.72 -6.07 19.00
N LYS A 98 -19.83 -6.00 19.98
CA LYS A 98 -20.16 -6.48 21.34
C LYS A 98 -20.06 -5.43 22.42
N ASN A 99 -19.40 -4.32 22.13
CA ASN A 99 -19.01 -3.40 23.19
C ASN A 99 -19.81 -2.10 23.21
N LEU A 100 -20.47 -1.86 24.34
CA LEU A 100 -21.28 -0.67 24.55
C LEU A 100 -20.76 0.12 25.74
N TYR A 101 -20.69 1.44 25.60
CA TYR A 101 -20.17 2.30 26.66
C TYR A 101 -21.16 3.36 27.11
N THR A 102 -21.07 3.76 28.38
CA THR A 102 -21.87 4.86 28.91
C THR A 102 -20.97 5.79 29.72
N ALA A 103 -21.31 7.07 29.75
CA ALA A 103 -20.58 8.05 30.54
C ALA A 103 -21.04 7.97 31.99
N MET A 104 -22.16 7.30 32.21
CA MET A 104 -22.70 7.09 33.54
C MET A 104 -23.22 5.66 33.65
N PRO A 105 -22.95 5.00 34.79
CA PRO A 105 -23.32 3.60 34.97
C PRO A 105 -24.83 3.38 34.89
N LEU A 106 -25.24 2.41 34.09
CA LEU A 106 -26.65 2.07 33.92
C LEU A 106 -27.20 1.46 35.21
N PRO A 107 -28.52 1.50 35.40
CA PRO A 107 -29.13 0.81 36.55
C PRO A 107 -29.07 -0.70 36.40
N ILE A 108 -27.89 -1.20 36.05
CA ILE A 108 -27.67 -2.63 35.88
C ILE A 108 -26.81 -3.13 37.03
N GLY A 109 -25.79 -2.36 37.40
CA GLY A 109 -24.96 -2.71 38.54
C GLY A 109 -24.01 -3.85 38.26
N ARG A 110 -24.54 -4.95 37.73
CA ARG A 110 -23.73 -6.09 37.28
C ARG A 110 -24.56 -7.16 36.59
N ASP A 111 -25.69 -7.51 37.20
CA ASP A 111 -26.50 -8.63 36.70
C ASP A 111 -27.02 -8.44 35.27
N LYS A 112 -26.87 -9.50 34.47
CA LYS A 112 -27.25 -9.48 33.07
C LYS A 112 -28.76 -9.37 32.88
N VAL A 113 -29.18 -8.66 31.85
CA VAL A 113 -30.60 -8.55 31.53
C VAL A 113 -30.86 -8.94 30.07
N GLU A 114 -32.06 -9.47 29.81
CA GLU A 114 -32.42 -9.95 28.49
C GLU A 114 -33.49 -9.07 27.85
N LEU A 115 -33.33 -8.75 26.57
CA LEU A 115 -34.20 -7.79 25.90
C LEU A 115 -34.65 -8.24 24.50
N GLU A 116 -35.67 -7.56 23.99
CA GLU A 116 -36.13 -7.77 22.62
C GLU A 116 -36.14 -6.45 21.84
N VAL A 117 -35.96 -6.56 20.53
CA VAL A 117 -35.94 -5.40 19.64
C VAL A 117 -36.68 -5.76 18.34
N THR A 118 -37.35 -4.78 17.74
CA THR A 118 -38.09 -4.98 16.50
C THR A 118 -37.65 -3.98 15.44
N LEU A 119 -37.44 -4.44 14.21
CA LEU A 119 -37.11 -3.53 13.12
C LEU A 119 -38.32 -2.64 12.82
N ARG A 126 -36.43 -9.80 12.26
CA ARG A 126 -37.39 -8.82 12.78
C ARG A 126 -37.38 -8.79 14.30
N ILE A 127 -36.87 -9.87 14.90
CA ILE A 127 -36.88 -10.03 16.34
C ILE A 127 -35.55 -10.59 16.85
N PHE A 128 -34.85 -9.79 17.65
CA PHE A 128 -33.54 -10.18 18.17
C PHE A 128 -33.58 -10.26 19.70
N LYS A 129 -32.68 -11.05 20.27
CA LYS A 129 -32.54 -11.11 21.72
C LYS A 129 -31.19 -10.57 22.17
N VAL A 130 -31.23 -9.40 22.80
CA VAL A 130 -30.02 -8.71 23.22
C VAL A 130 -29.84 -8.81 24.73
N SER A 131 -28.64 -9.21 25.16
CA SER A 131 -28.32 -9.23 26.57
C SER A 131 -27.22 -8.21 26.84
N ILE A 132 -27.33 -7.51 27.96
CA ILE A 132 -26.32 -6.51 28.32
C ILE A 132 -25.77 -6.75 29.72
N LYS A 133 -24.45 -6.75 29.83
CA LYS A 133 -23.74 -7.19 31.03
C LYS A 133 -22.50 -6.33 31.27
N TRP A 134 -22.42 -5.71 32.44
CA TRP A 134 -21.27 -4.87 32.78
C TRP A 134 -19.99 -5.70 32.85
N VAL A 135 -18.92 -5.19 32.23
CA VAL A 135 -17.64 -5.88 32.20
C VAL A 135 -16.60 -5.15 33.04
N SER A 136 -16.34 -3.89 32.69
CA SER A 136 -15.23 -3.16 33.29
C SER A 136 -15.42 -1.64 33.35
N CYS A 137 -14.56 -0.99 34.11
CA CYS A 137 -14.49 0.46 34.17
C CYS A 137 -13.26 0.92 33.40
N VAL A 138 -13.47 1.64 32.31
CA VAL A 138 -12.34 2.22 31.59
C VAL A 138 -11.88 3.49 32.29
N SER A 139 -10.69 3.44 32.88
CA SER A 139 -10.15 4.57 33.62
C SER A 139 -9.49 5.57 32.69
N LEU A 140 -10.11 6.75 32.56
CA LEU A 140 -9.52 7.82 31.76
C LEU A 140 -8.37 8.48 32.52
N GLN A 141 -8.30 8.21 33.81
CA GLN A 141 -7.20 8.70 34.64
C GLN A 141 -5.94 7.91 34.33
N ALA A 142 -6.10 6.60 34.15
CA ALA A 142 -5.00 5.72 33.80
C ALA A 142 -4.40 6.13 32.46
N LEU A 143 -5.23 6.68 31.59
CA LEU A 143 -4.79 7.18 30.30
C LEU A 143 -3.95 8.43 30.46
N HIS A 144 -4.42 9.35 31.30
CA HIS A 144 -3.72 10.60 31.58
C HIS A 144 -2.29 10.36 32.04
N ASP A 145 -2.13 9.38 32.94
CA ASP A 145 -0.82 9.09 33.51
C ASP A 145 0.08 8.36 32.52
N ALA A 146 -0.52 7.60 31.61
CA ALA A 146 0.23 6.96 30.55
C ALA A 146 0.78 8.01 29.59
N LEU A 147 0.02 9.10 29.44
CA LEU A 147 0.39 10.17 28.54
C LEU A 147 1.55 11.02 29.07
N SER A 148 1.66 11.13 30.39
CA SER A 148 2.73 11.91 31.00
C SER A 148 3.96 11.02 31.18
N GLY A 149 3.71 9.76 31.53
CA GLY A 149 4.75 8.79 31.73
C GLY A 149 4.20 7.45 32.15
N ARG A 150 4.72 6.95 33.28
CA ARG A 150 4.42 5.64 33.85
C ARG A 150 3.27 4.78 33.27
N LEU A 151 3.49 3.97 32.21
CA LEU A 151 4.53 4.05 31.18
C LEU A 151 4.26 2.93 30.20
N VAL A 154 0.54 1.75 27.75
CA VAL A 154 -0.68 2.50 27.41
C VAL A 154 -1.90 1.58 27.35
N PRO A 155 -2.92 1.89 28.15
CA PRO A 155 -4.18 1.13 28.13
C PRO A 155 -4.86 1.24 26.77
N PHE A 156 -4.67 0.20 25.95
CA PHE A 156 -5.21 0.19 24.59
C PHE A 156 -6.74 0.27 24.60
N GLU A 157 -7.36 -0.38 25.58
CA GLU A 157 -8.82 -0.40 25.66
C GLU A 157 -9.40 0.98 25.98
N THR A 158 -8.58 1.83 26.57
CA THR A 158 -8.99 3.20 26.87
C THR A 158 -8.99 4.03 25.60
N ILE A 159 -7.97 3.86 24.78
CA ILE A 159 -7.89 4.50 23.47
C ILE A 159 -9.06 4.03 22.61
N GLN A 160 -9.39 2.75 22.73
CA GLN A 160 -10.46 2.17 21.93
C GLN A 160 -11.83 2.68 22.38
N ALA A 161 -11.99 2.90 23.68
CA ALA A 161 -13.23 3.46 24.22
C ALA A 161 -13.46 4.86 23.64
N LEU A 162 -12.41 5.65 23.60
CA LEU A 162 -12.47 7.00 23.03
C LEU A 162 -12.83 6.94 21.55
N ASP A 163 -12.19 6.02 20.83
CA ASP A 163 -12.42 5.87 19.40
C ASP A 163 -13.87 5.53 19.12
N VAL A 164 -14.44 4.64 19.94
CA VAL A 164 -15.84 4.25 19.80
C VAL A 164 -16.76 5.47 20.00
N VAL A 165 -16.41 6.30 20.98
CA VAL A 165 -17.18 7.51 21.27
C VAL A 165 -17.17 8.49 20.09
N MET A 166 -15.97 8.75 19.57
CA MET A 166 -15.80 9.75 18.51
C MET A 166 -16.44 9.34 17.19
N ARG A 167 -16.56 8.04 16.95
CA ARG A 167 -17.05 7.57 15.65
C ARG A 167 -18.42 6.89 15.73
N HIS A 168 -19.11 7.06 16.86
CA HIS A 168 -20.45 6.51 17.00
C HIS A 168 -21.43 7.19 16.05
N LEU A 169 -21.44 8.52 16.09
CA LEU A 169 -22.32 9.30 15.23
C LEU A 169 -22.04 9.14 13.72
N PRO A 170 -20.77 9.30 13.29
CA PRO A 170 -20.53 9.15 11.85
C PRO A 170 -20.81 7.74 11.33
N SER A 171 -20.74 6.74 12.20
CA SER A 171 -20.99 5.36 11.81
C SER A 171 -22.46 5.12 11.45
N MET A 172 -23.31 6.08 11.79
CA MET A 172 -24.74 5.97 11.52
C MET A 172 -25.15 6.89 10.38
N ARG A 173 -24.51 8.06 10.30
CA ARG A 173 -24.80 9.01 9.24
C ARG A 173 -24.10 8.67 7.93
N TYR A 174 -22.96 7.99 8.03
CA TYR A 174 -22.16 7.68 6.85
C TYR A 174 -21.87 6.20 6.66
N THR A 175 -21.07 5.90 5.63
CA THR A 175 -20.66 4.55 5.30
C THR A 175 -19.21 4.32 5.70
N PRO A 176 -18.99 3.66 6.85
CA PRO A 176 -17.64 3.41 7.35
C PRO A 176 -16.89 2.38 6.51
N VAL A 177 -15.65 2.69 6.16
CA VAL A 177 -14.76 1.73 5.54
C VAL A 177 -13.44 1.71 6.32
N GLY A 178 -13.26 0.68 7.15
CA GLY A 178 -12.14 0.64 8.05
C GLY A 178 -12.24 1.77 9.06
N ARG A 179 -11.34 2.73 8.97
CA ARG A 179 -11.34 3.88 9.87
C ARG A 179 -11.86 5.14 9.22
N SER A 180 -12.37 5.00 8.00
CA SER A 180 -12.86 6.18 7.27
C SER A 180 -14.38 6.20 7.21
N PHE A 181 -14.93 7.28 6.65
CA PHE A 181 -16.36 7.42 6.46
C PHE A 181 -16.60 8.03 5.09
N PHE A 182 -17.53 7.44 4.34
CA PHE A 182 -17.81 7.91 2.98
C PHE A 182 -19.30 8.06 2.71
N THR A 183 -19.63 8.89 1.73
CA THR A 183 -21.00 9.02 1.23
C THR A 183 -20.98 9.35 -0.25
N ALA A 184 -22.11 9.15 -0.91
CA ALA A 184 -22.25 9.55 -2.30
C ALA A 184 -22.50 11.05 -2.38
N SER A 185 -22.29 11.63 -3.56
CA SER A 185 -22.49 13.06 -3.74
C SER A 185 -23.96 13.43 -3.65
N SER A 189 -21.99 10.54 -10.67
CA SER A 189 -21.60 11.94 -10.61
C SER A 189 -20.09 12.09 -10.80
N ASN A 190 -19.34 11.11 -10.31
CA ASN A 190 -17.89 11.07 -10.49
C ASN A 190 -17.44 9.71 -11.00
N PRO A 191 -17.80 9.38 -12.25
CA PRO A 191 -17.58 8.03 -12.80
C PRO A 191 -16.11 7.73 -13.09
N LEU A 192 -15.74 6.46 -12.95
CA LEU A 192 -14.40 5.98 -13.28
C LEU A 192 -14.50 5.00 -14.43
N GLY A 193 -15.72 4.61 -14.76
CA GLY A 193 -15.94 3.59 -15.78
C GLY A 193 -15.76 2.20 -15.20
N GLY A 194 -16.26 1.20 -15.92
CA GLY A 194 -16.14 -0.18 -15.47
C GLY A 194 -17.07 -0.50 -14.31
N GLY A 195 -18.05 0.38 -14.09
CA GLY A 195 -19.01 0.20 -13.02
C GLY A 195 -18.54 0.78 -11.71
N ARG A 196 -17.43 1.51 -11.75
CA ARG A 196 -16.84 2.06 -10.54
C ARG A 196 -17.05 3.57 -10.42
N GLU A 197 -16.87 4.09 -9.20
CA GLU A 197 -17.23 5.46 -8.88
C GLU A 197 -16.30 6.00 -7.80
N VAL A 198 -16.27 7.33 -7.67
CA VAL A 198 -15.48 7.95 -6.61
C VAL A 198 -16.38 8.45 -5.50
N TRP A 199 -16.08 8.04 -4.26
CA TRP A 199 -16.77 8.57 -3.10
C TRP A 199 -15.80 9.35 -2.23
N PHE A 200 -16.18 10.57 -1.86
CA PHE A 200 -15.36 11.39 -1.00
C PHE A 200 -15.77 11.23 0.46
N GLY A 201 -14.79 11.32 1.35
CA GLY A 201 -15.05 11.18 2.77
C GLY A 201 -13.85 11.60 3.61
N PHE A 202 -13.69 10.97 4.77
CA PHE A 202 -12.62 11.34 5.68
C PHE A 202 -12.17 10.21 6.58
N HIS A 203 -10.89 10.25 6.95
CA HIS A 203 -10.33 9.33 7.94
C HIS A 203 -10.44 9.95 9.32
N GLN A 204 -10.64 9.12 10.33
CA GLN A 204 -10.74 9.59 11.71
C GLN A 204 -10.19 8.56 12.70
N SER A 205 -9.27 8.99 13.55
CA SER A 205 -8.68 8.09 14.55
C SER A 205 -8.14 8.85 15.75
N VAL A 206 -8.26 8.24 16.93
CA VAL A 206 -7.75 8.81 18.17
C VAL A 206 -6.35 8.27 18.45
N ARG A 207 -5.40 9.17 18.64
CA ARG A 207 -4.00 8.76 18.78
C ARG A 207 -3.32 9.38 20.00
N PRO A 208 -2.54 8.56 20.72
CA PRO A 208 -1.76 9.04 21.86
C PRO A 208 -0.52 9.81 21.43
N SER A 209 -0.22 10.87 22.16
CA SER A 209 0.99 11.64 21.96
C SER A 209 1.51 12.02 23.34
N LEU A 210 2.64 12.71 23.41
CA LEU A 210 3.14 13.14 24.70
C LEU A 210 2.21 14.19 25.31
N TRP A 211 1.80 13.94 26.54
CA TRP A 211 0.91 14.85 27.31
C TRP A 211 -0.54 14.93 26.82
N LYS A 212 -0.80 14.52 25.57
CA LYS A 212 -2.12 14.74 24.99
C LYS A 212 -2.66 13.58 24.17
N MET A 213 -3.99 13.55 24.07
CA MET A 213 -4.68 12.70 23.11
C MET A 213 -4.99 13.53 21.87
N MET A 214 -4.76 12.95 20.70
CA MET A 214 -4.92 13.67 19.44
C MET A 214 -6.00 13.06 18.57
N LEU A 215 -6.77 13.92 17.90
CA LEU A 215 -7.74 13.46 16.92
C LEU A 215 -7.17 13.66 15.52
N ASN A 216 -6.92 12.55 14.83
CA ASN A 216 -6.35 12.59 13.48
C ASN A 216 -7.45 12.62 12.42
N ILE A 217 -7.54 13.74 11.70
CA ILE A 217 -8.57 13.93 10.69
C ILE A 217 -7.96 14.31 9.35
N ASP A 218 -8.30 13.55 8.32
CA ASP A 218 -7.82 13.83 6.97
C ASP A 218 -8.89 13.53 5.94
N VAL A 219 -8.89 14.30 4.84
CA VAL A 219 -9.83 14.05 3.76
C VAL A 219 -9.40 12.80 2.99
N SER A 220 -10.37 12.08 2.46
CA SER A 220 -10.07 10.82 1.77
C SER A 220 -11.02 10.57 0.61
N ALA A 221 -10.65 9.61 -0.23
CA ALA A 221 -11.49 9.21 -1.36
C ALA A 221 -11.09 7.82 -1.83
N THR A 222 -12.10 7.01 -2.15
CA THR A 222 -11.86 5.65 -2.60
C THR A 222 -12.89 5.23 -3.65
N ALA A 223 -12.64 4.09 -4.29
CA ALA A 223 -13.51 3.61 -5.35
C ALA A 223 -14.69 2.81 -4.82
N PHE A 224 -15.88 3.13 -5.29
CA PHE A 224 -17.09 2.39 -4.96
C PHE A 224 -17.76 1.90 -6.24
N TYR A 225 -18.52 0.82 -6.13
CA TYR A 225 -19.29 0.34 -7.27
C TYR A 225 -20.58 1.13 -7.41
N LYS A 226 -20.85 1.61 -8.62
CA LYS A 226 -22.04 2.39 -8.89
C LYS A 226 -23.29 1.54 -8.69
N ALA A 227 -24.25 2.08 -7.95
CA ALA A 227 -25.53 1.39 -7.74
C ALA A 227 -26.39 1.51 -8.99
N GLN A 228 -26.59 0.39 -9.67
CA GLN A 228 -27.31 0.38 -10.94
C GLN A 228 -27.74 -1.04 -11.27
N PRO A 229 -28.71 -1.20 -12.20
CA PRO A 229 -29.08 -2.53 -12.68
C PRO A 229 -27.88 -3.28 -13.21
N VAL A 230 -27.81 -4.59 -12.94
CA VAL A 230 -26.70 -5.43 -13.39
C VAL A 230 -26.53 -5.35 -14.90
N ILE A 231 -27.65 -5.23 -15.61
CA ILE A 231 -27.64 -5.06 -17.06
C ILE A 231 -26.75 -3.90 -17.49
N GLU A 232 -26.93 -2.75 -16.84
CA GLU A 232 -26.11 -1.58 -17.14
C GLU A 232 -24.66 -1.82 -16.71
N PHE A 233 -24.49 -2.52 -15.60
CA PHE A 233 -23.15 -2.86 -15.11
C PHE A 233 -22.41 -3.71 -16.14
N VAL A 234 -23.14 -4.62 -16.78
CA VAL A 234 -22.58 -5.44 -17.85
C VAL A 234 -22.08 -4.57 -19.00
N CYS A 235 -22.88 -3.58 -19.38
CA CYS A 235 -22.52 -2.67 -20.47
C CYS A 235 -21.23 -1.89 -20.17
N GLU A 236 -21.15 -1.34 -18.97
CA GLU A 236 -19.96 -0.59 -18.58
C GLU A 236 -18.72 -1.47 -18.50
N VAL A 237 -18.92 -2.74 -18.15
CA VAL A 237 -17.82 -3.68 -18.04
C VAL A 237 -17.37 -4.19 -19.42
N LEU A 238 -18.35 -4.48 -20.28
CA LEU A 238 -18.04 -5.05 -21.60
C LEU A 238 -18.05 -4.02 -22.72
N ASP A 239 -18.08 -2.74 -22.35
CA ASP A 239 -18.05 -1.63 -23.30
C ASP A 239 -19.19 -1.66 -24.32
N PHE A 240 -20.43 -1.71 -23.82
CA PHE A 240 -21.60 -1.58 -24.67
C PHE A 240 -22.24 -0.23 -24.44
N LYS A 241 -22.62 0.47 -25.51
CA LYS A 241 -23.42 1.67 -25.37
C LYS A 241 -24.83 1.28 -24.94
N SER A 242 -25.36 0.26 -25.60
CA SER A 242 -26.63 -0.35 -25.22
C SER A 242 -26.47 -1.86 -25.25
N ILE A 243 -27.21 -2.56 -24.41
CA ILE A 243 -27.07 -4.01 -24.29
C ILE A 243 -27.64 -4.74 -25.51
N GLU A 244 -28.53 -4.06 -26.23
CA GLU A 244 -29.26 -4.65 -27.34
C GLU A 244 -28.37 -5.16 -28.48
N GLN A 247 -29.36 -9.22 -28.17
CA GLN A 247 -28.02 -9.58 -28.64
C GLN A 247 -27.91 -11.07 -28.94
N LYS A 248 -26.97 -11.71 -28.27
CA LYS A 248 -26.54 -13.06 -28.55
C LYS A 248 -25.55 -13.39 -27.45
N PRO A 249 -25.53 -14.65 -26.98
CA PRO A 249 -24.75 -15.11 -25.83
C PRO A 249 -23.30 -14.60 -25.79
N LEU A 250 -22.81 -14.31 -24.59
CA LEU A 250 -21.44 -13.86 -24.40
C LEU A 250 -20.49 -14.99 -24.79
N THR A 251 -19.41 -14.65 -25.49
CA THR A 251 -18.35 -15.61 -25.75
C THR A 251 -17.73 -15.99 -24.41
N ASP A 252 -16.92 -17.04 -24.41
CA ASP A 252 -16.27 -17.48 -23.18
C ASP A 252 -15.37 -16.40 -22.57
N SER A 253 -14.88 -15.50 -23.42
CA SER A 253 -14.05 -14.38 -22.97
C SER A 253 -14.86 -13.31 -22.23
N GLN A 254 -15.91 -12.81 -22.88
CA GLN A 254 -16.78 -11.80 -22.28
C GLN A 254 -17.31 -12.28 -20.93
N ARG A 255 -17.57 -13.57 -20.83
CA ARG A 255 -18.16 -14.15 -19.64
C ARG A 255 -17.19 -14.15 -18.45
N VAL A 256 -15.93 -14.48 -18.68
CA VAL A 256 -14.94 -14.48 -17.60
C VAL A 256 -14.52 -13.07 -17.19
N LYS A 257 -14.62 -12.12 -18.12
CA LYS A 257 -14.34 -10.74 -17.81
C LYS A 257 -15.41 -10.22 -16.86
N PHE A 258 -16.67 -10.46 -17.22
CA PHE A 258 -17.81 -10.06 -16.42
C PHE A 258 -17.87 -10.82 -15.09
N THR A 259 -17.52 -12.10 -15.14
CA THR A 259 -17.52 -12.93 -13.93
C THR A 259 -16.54 -12.40 -12.90
N LYS A 260 -15.33 -12.07 -13.35
CA LYS A 260 -14.29 -11.53 -12.48
C LYS A 260 -14.76 -10.23 -11.81
N GLU A 261 -15.53 -9.45 -12.54
CA GLU A 261 -15.97 -8.14 -12.10
C GLU A 261 -17.04 -8.18 -11.01
N ILE A 262 -17.97 -9.11 -11.14
CA ILE A 262 -19.14 -9.13 -10.25
C ILE A 262 -19.03 -10.20 -9.16
N LYS A 263 -18.04 -11.08 -9.30
CA LYS A 263 -17.84 -12.17 -8.34
C LYS A 263 -17.48 -11.64 -6.96
N GLY A 264 -18.36 -11.89 -5.98
CA GLY A 264 -18.12 -11.46 -4.63
C GLY A 264 -18.90 -10.21 -4.26
N LEU A 265 -19.55 -9.60 -5.25
CA LEU A 265 -20.33 -8.39 -5.03
C LEU A 265 -21.74 -8.72 -4.55
N LYS A 266 -22.39 -7.72 -3.98
CA LYS A 266 -23.75 -7.88 -3.50
C LYS A 266 -24.78 -7.36 -4.55
N VAL A 267 -25.81 -8.16 -4.80
CA VAL A 267 -26.90 -7.74 -5.68
C VAL A 267 -28.23 -7.74 -4.92
N GLU A 268 -29.12 -6.83 -5.33
CA GLU A 268 -30.45 -6.76 -4.76
C GLU A 268 -31.48 -7.01 -5.86
N ILE A 269 -32.65 -7.52 -5.49
CA ILE A 269 -33.67 -7.87 -6.47
C ILE A 269 -34.74 -6.77 -6.63
N THR A 270 -35.09 -6.50 -7.88
CA THR A 270 -36.04 -5.46 -8.22
C THR A 270 -37.49 -5.90 -8.18
N HIS A 271 -37.73 -7.21 -8.19
CA HIS A 271 -39.10 -7.70 -8.29
C HIS A 271 -39.68 -8.05 -6.93
N LYS A 276 -36.13 -6.32 -2.97
CA LYS A 276 -35.57 -5.71 -1.77
C LYS A 276 -34.68 -6.70 -1.03
N ARG A 277 -34.42 -7.85 -1.65
CA ARG A 277 -33.61 -8.89 -1.02
C ARG A 277 -32.17 -8.81 -1.51
N LYS A 278 -31.23 -9.00 -0.59
CA LYS A 278 -29.82 -8.90 -0.91
C LYS A 278 -29.17 -10.27 -1.02
N TYR A 279 -28.30 -10.43 -2.01
CA TYR A 279 -27.59 -11.69 -2.19
C TYR A 279 -26.12 -11.45 -2.45
N ARG A 280 -25.35 -12.51 -2.24
CA ARG A 280 -23.94 -12.52 -2.55
C ARG A 280 -23.65 -13.27 -3.83
N VAL A 281 -23.09 -12.59 -4.82
CA VAL A 281 -22.73 -13.26 -6.06
C VAL A 281 -21.47 -14.11 -5.90
N CYS A 282 -21.62 -15.42 -6.03
CA CYS A 282 -20.49 -16.34 -5.89
C CYS A 282 -19.95 -16.81 -7.24
N ASN A 283 -20.78 -16.70 -8.28
CA ASN A 283 -20.37 -17.12 -9.63
C ASN A 283 -21.40 -16.73 -10.71
N VAL A 284 -20.92 -16.63 -11.95
CA VAL A 284 -21.79 -16.43 -13.10
C VAL A 284 -21.87 -17.73 -13.88
N THR A 285 -23.09 -18.17 -14.18
CA THR A 285 -23.29 -19.46 -14.86
C THR A 285 -22.72 -19.48 -16.27
N ARG A 286 -22.37 -20.67 -16.72
CA ARG A 286 -21.84 -20.86 -18.06
C ARG A 286 -22.99 -20.86 -19.07
N ARG A 287 -24.16 -21.28 -18.60
CA ARG A 287 -25.35 -21.40 -19.45
C ARG A 287 -26.24 -20.17 -19.36
N PRO A 288 -26.99 -19.89 -20.43
CA PRO A 288 -27.98 -18.80 -20.39
C PRO A 288 -29.18 -19.16 -19.53
N ALA A 289 -30.04 -18.18 -19.24
CA ALA A 289 -31.17 -18.38 -18.36
C ALA A 289 -32.22 -19.33 -18.96
N SER A 290 -32.33 -19.34 -20.27
CA SER A 290 -33.32 -20.16 -20.96
C SER A 290 -32.96 -21.65 -20.87
N HIS A 291 -31.71 -21.95 -20.55
CA HIS A 291 -31.25 -23.33 -20.50
C HIS A 291 -30.69 -23.74 -19.13
N GLN A 292 -30.33 -22.75 -18.32
CA GLN A 292 -29.84 -23.03 -16.98
C GLN A 292 -30.95 -23.63 -16.13
N THR A 293 -30.69 -24.80 -15.55
CA THR A 293 -31.71 -25.51 -14.77
C THR A 293 -31.33 -25.64 -13.30
N PHE A 294 -32.33 -25.97 -12.49
CA PHE A 294 -32.13 -26.22 -11.07
C PHE A 294 -33.17 -27.21 -10.58
N PRO A 295 -32.85 -27.97 -9.51
CA PRO A 295 -33.83 -28.90 -8.96
C PRO A 295 -35.00 -28.18 -8.31
N LEU A 296 -36.20 -28.45 -8.79
CA LEU A 296 -37.42 -27.83 -8.29
C LEU A 296 -38.34 -28.88 -7.71
N GLN A 297 -38.68 -28.75 -6.43
CA GLN A 297 -39.57 -29.71 -5.79
C GLN A 297 -41.03 -29.33 -5.98
N GLN A 298 -41.80 -30.27 -6.54
CA GLN A 298 -43.21 -30.03 -6.82
C GLN A 298 -44.08 -30.41 -5.63
N GLU A 299 -45.39 -30.44 -5.84
CA GLU A 299 -46.34 -30.72 -4.78
C GLU A 299 -46.22 -32.15 -4.26
N SER A 300 -45.96 -33.08 -5.17
CA SER A 300 -45.84 -34.48 -4.81
C SER A 300 -44.58 -34.73 -3.98
N GLY A 301 -43.70 -33.75 -3.94
CA GLY A 301 -42.46 -33.85 -3.18
C GLY A 301 -41.30 -34.21 -4.09
N GLN A 302 -41.63 -34.58 -5.31
CA GLN A 302 -40.64 -35.01 -6.29
C GLN A 302 -39.93 -33.81 -6.92
N THR A 303 -38.60 -33.92 -7.04
CA THR A 303 -37.81 -32.84 -7.62
C THR A 303 -37.54 -33.07 -9.11
N VAL A 304 -37.68 -32.02 -9.90
CA VAL A 304 -37.37 -32.08 -11.33
C VAL A 304 -36.51 -30.88 -11.69
N GLU A 305 -35.85 -30.96 -12.84
CA GLU A 305 -35.05 -29.84 -13.32
C GLU A 305 -35.95 -28.83 -14.03
N CYS A 306 -35.83 -27.57 -13.65
CA CYS A 306 -36.62 -26.50 -14.25
C CYS A 306 -35.71 -25.35 -14.62
N THR A 307 -35.92 -24.78 -15.80
CA THR A 307 -35.10 -23.67 -16.25
C THR A 307 -35.42 -22.40 -15.48
N VAL A 308 -34.40 -21.54 -15.31
CA VAL A 308 -34.57 -20.28 -14.60
C VAL A 308 -35.60 -19.41 -15.32
N ALA A 309 -35.58 -19.45 -16.65
CA ALA A 309 -36.54 -18.71 -17.45
C ALA A 309 -37.97 -19.18 -17.20
N GLN A 310 -38.16 -20.50 -17.18
CA GLN A 310 -39.47 -21.08 -16.95
C GLN A 310 -39.97 -20.80 -15.54
N TYR A 311 -39.05 -20.85 -14.57
CA TYR A 311 -39.42 -20.61 -13.19
C TYR A 311 -39.92 -19.19 -12.96
N PHE A 312 -39.18 -18.20 -13.47
CA PHE A 312 -39.57 -16.81 -13.33
C PHE A 312 -40.85 -16.47 -14.08
N LYS A 313 -41.24 -17.36 -14.98
CA LYS A 313 -42.46 -17.18 -15.74
C LYS A 313 -43.65 -17.76 -14.98
N ASP A 314 -43.49 -18.99 -14.47
CA ASP A 314 -44.54 -19.63 -13.70
C ASP A 314 -44.72 -18.94 -12.36
N ARG A 315 -43.62 -18.73 -11.66
CA ARG A 315 -43.65 -18.24 -10.28
C ARG A 315 -43.88 -16.73 -10.19
N HIS A 316 -43.32 -15.96 -11.13
CA HIS A 316 -43.37 -14.50 -11.03
C HIS A 316 -44.05 -13.80 -12.21
N LYS A 317 -44.70 -14.59 -13.08
CA LYS A 317 -45.40 -14.06 -14.24
C LYS A 317 -44.46 -13.21 -15.10
N LEU A 318 -43.20 -13.62 -15.17
CA LEU A 318 -42.19 -12.82 -15.84
C LEU A 318 -41.47 -13.55 -16.98
N VAL A 319 -41.72 -13.11 -18.20
CA VAL A 319 -40.99 -13.61 -19.36
C VAL A 319 -39.70 -12.81 -19.50
N LEU A 320 -38.57 -13.50 -19.37
CA LEU A 320 -37.26 -12.84 -19.37
C LEU A 320 -36.97 -12.05 -20.63
N ARG A 321 -36.61 -10.78 -20.45
CA ARG A 321 -36.29 -9.89 -21.55
C ARG A 321 -35.03 -10.35 -22.29
N TYR A 322 -34.08 -10.93 -21.57
CA TYR A 322 -32.81 -11.35 -22.13
C TYR A 322 -32.42 -12.78 -21.75
N PRO A 323 -33.18 -13.78 -22.23
CA PRO A 323 -32.96 -15.17 -21.82
C PRO A 323 -31.61 -15.73 -22.29
N HIS A 324 -30.97 -15.04 -23.22
CA HIS A 324 -29.70 -15.52 -23.79
C HIS A 324 -28.50 -15.19 -22.91
N LEU A 325 -28.70 -14.33 -21.92
CA LEU A 325 -27.64 -13.94 -21.00
C LEU A 325 -27.59 -14.88 -19.81
N PRO A 326 -26.41 -15.09 -19.23
CA PRO A 326 -26.26 -16.03 -18.11
C PRO A 326 -26.92 -15.55 -16.82
N CYS A 327 -26.81 -16.34 -15.76
CA CYS A 327 -27.42 -16.01 -14.48
C CYS A 327 -26.35 -15.81 -13.42
N LEU A 328 -26.68 -15.01 -12.41
CA LEU A 328 -25.83 -14.88 -11.23
C LEU A 328 -26.13 -16.02 -10.26
N GLN A 329 -25.13 -16.83 -9.95
CA GLN A 329 -25.30 -17.82 -8.90
C GLN A 329 -25.03 -17.16 -7.57
N VAL A 330 -26.03 -17.17 -6.69
CA VAL A 330 -25.92 -16.48 -5.41
C VAL A 330 -26.06 -17.43 -4.24
N GLY A 331 -25.81 -16.91 -3.04
CA GLY A 331 -25.82 -17.72 -1.84
C GLY A 331 -24.78 -18.82 -1.92
N GLN A 332 -25.21 -20.04 -1.66
CA GLN A 332 -24.34 -21.20 -1.82
C GLN A 332 -25.08 -22.33 -2.50
N GLU A 333 -24.33 -23.29 -3.02
CA GLU A 333 -24.85 -24.40 -3.81
C GLU A 333 -25.90 -25.21 -3.07
N HIS A 336 -28.34 -24.08 -5.02
CA HIS A 336 -28.69 -23.99 -6.43
C HIS A 336 -29.68 -22.85 -6.70
N THR A 337 -29.31 -21.64 -6.30
CA THR A 337 -30.16 -20.47 -6.54
C THR A 337 -29.54 -19.54 -7.58
N TYR A 338 -30.26 -19.32 -8.67
CA TYR A 338 -29.77 -18.51 -9.78
C TYR A 338 -30.66 -17.31 -10.05
N LEU A 339 -30.04 -16.18 -10.38
CA LEU A 339 -30.77 -14.95 -10.64
C LEU A 339 -30.44 -14.39 -12.01
N PRO A 340 -31.48 -14.13 -12.82
CA PRO A 340 -31.31 -13.45 -14.11
C PRO A 340 -30.75 -12.05 -13.90
N LEU A 341 -29.95 -11.57 -14.84
CA LEU A 341 -29.28 -10.28 -14.69
C LEU A 341 -30.25 -9.10 -14.63
N GLU A 342 -31.40 -9.26 -15.31
CA GLU A 342 -32.33 -8.15 -15.48
C GLU A 342 -33.24 -7.90 -14.27
N VAL A 343 -33.11 -8.73 -13.24
CA VAL A 343 -33.89 -8.54 -12.02
C VAL A 343 -33.01 -8.19 -10.83
N CYS A 344 -31.77 -7.80 -11.11
CA CYS A 344 -30.80 -7.53 -10.06
C CYS A 344 -30.12 -6.16 -10.21
N ASN A 345 -29.96 -5.46 -9.10
CA ASN A 345 -29.15 -4.25 -9.06
C ASN A 345 -27.90 -4.46 -8.21
N ILE A 346 -26.84 -3.73 -8.54
CA ILE A 346 -25.66 -3.70 -7.67
C ILE A 346 -26.00 -2.89 -6.43
N VAL A 347 -25.90 -3.54 -5.27
CA VAL A 347 -26.23 -2.88 -4.00
C VAL A 347 -25.34 -1.67 -3.75
N ALA A 348 -25.95 -0.57 -3.32
CA ALA A 348 -25.23 0.68 -3.08
C ALA A 348 -24.27 0.56 -1.90
N GLY A 349 -23.20 1.36 -1.94
CA GLY A 349 -22.27 1.43 -0.83
C GLY A 349 -21.28 0.27 -0.76
N GLN A 350 -20.98 -0.32 -1.91
CA GLN A 350 -20.00 -1.41 -1.97
C GLN A 350 -18.63 -0.88 -2.40
N ARG A 351 -17.66 -0.96 -1.50
CA ARG A 351 -16.32 -0.47 -1.79
C ARG A 351 -15.59 -1.41 -2.74
N CYS A 352 -14.83 -0.83 -3.66
CA CYS A 352 -14.11 -1.62 -4.66
C CYS A 352 -12.74 -2.05 -4.16
N ILE A 353 -12.52 -3.37 -4.10
CA ILE A 353 -11.26 -3.91 -3.62
C ILE A 353 -10.29 -4.23 -4.76
N LYS A 354 -10.83 -4.79 -5.85
CA LYS A 354 -10.02 -5.23 -6.98
C LYS A 354 -9.16 -4.12 -7.57
N LYS A 355 -8.08 -4.53 -8.22
CA LYS A 355 -7.16 -3.62 -8.89
C LYS A 355 -7.89 -2.74 -9.91
N LEU A 356 -7.55 -1.47 -9.91
CA LEU A 356 -8.09 -0.53 -10.89
C LEU A 356 -7.29 -0.63 -12.19
N THR A 357 -7.97 -0.43 -13.31
CA THR A 357 -7.28 -0.34 -14.60
C THR A 357 -6.43 0.92 -14.58
N ASP A 358 -5.39 0.95 -15.40
CA ASP A 358 -4.45 2.09 -15.41
C ASP A 358 -5.13 3.43 -15.68
N ASN A 359 -6.20 3.39 -16.47
CA ASN A 359 -6.97 4.60 -16.73
C ASN A 359 -7.88 4.96 -15.55
N GLN A 360 -8.38 3.93 -14.85
CA GLN A 360 -9.29 4.16 -13.72
C GLN A 360 -8.60 4.86 -12.56
N THR A 361 -7.40 4.40 -12.22
CA THR A 361 -6.64 5.03 -11.15
C THR A 361 -6.19 6.45 -11.55
N SER A 362 -5.86 6.62 -12.82
CA SER A 362 -5.42 7.92 -13.34
C SER A 362 -6.41 9.04 -13.03
N THR A 363 -7.65 8.89 -13.49
CA THR A 363 -8.68 9.89 -13.20
C THR A 363 -8.95 9.98 -11.70
N MET A 364 -8.74 8.88 -10.99
CA MET A 364 -8.87 8.88 -9.54
C MET A 364 -7.76 9.73 -8.92
N ILE A 365 -6.53 9.55 -9.39
CA ILE A 365 -5.41 10.38 -8.95
C ILE A 365 -5.73 11.85 -9.21
N ARG A 366 -6.19 12.13 -10.42
CA ARG A 366 -6.46 13.50 -10.84
C ARG A 366 -7.58 14.16 -10.04
N ALA A 367 -8.66 13.43 -9.82
CA ALA A 367 -9.82 13.97 -9.11
C ALA A 367 -9.60 14.10 -7.60
N THR A 368 -8.55 13.46 -7.11
CA THR A 368 -8.29 13.43 -5.68
C THR A 368 -7.05 14.23 -5.27
N ALA A 369 -6.18 14.51 -6.24
CA ALA A 369 -4.95 15.26 -5.96
C ALA A 369 -5.24 16.73 -5.70
N ARG A 370 -4.78 17.21 -4.54
CA ARG A 370 -4.92 18.62 -4.17
C ARG A 370 -3.61 19.10 -3.54
N SER A 371 -3.26 20.36 -3.78
CA SER A 371 -2.07 20.94 -3.19
C SER A 371 -2.16 20.92 -1.67
N ALA A 372 -1.01 21.02 -1.00
CA ALA A 372 -0.96 21.08 0.46
C ALA A 372 -1.83 22.19 1.08
N PRO A 373 -1.80 23.41 0.50
CA PRO A 373 -2.72 24.42 1.05
C PRO A 373 -4.18 24.07 0.80
N ASP A 374 -4.47 23.42 -0.33
CA ASP A 374 -5.83 23.01 -0.65
C ASP A 374 -6.35 21.96 0.33
N ARG A 375 -5.52 20.96 0.61
CA ARG A 375 -5.91 19.89 1.52
C ARG A 375 -6.13 20.42 2.93
N GLN A 376 -5.29 21.37 3.33
CA GLN A 376 -5.39 21.95 4.67
C GLN A 376 -6.73 22.65 4.87
N GLU A 377 -7.22 23.30 3.82
CA GLU A 377 -8.52 23.98 3.87
C GLU A 377 -9.67 22.99 3.97
N GLU A 378 -9.56 21.89 3.23
CA GLU A 378 -10.62 20.87 3.22
C GLU A 378 -10.75 20.19 4.58
N ILE A 379 -9.62 20.05 5.27
CA ILE A 379 -9.64 19.49 6.62
C ILE A 379 -10.28 20.48 7.58
N SER A 380 -10.02 21.76 7.36
CA SER A 380 -10.65 22.82 8.15
C SER A 380 -12.16 22.84 7.94
N LYS A 381 -12.58 22.70 6.69
CA LYS A 381 -14.00 22.65 6.36
C LYS A 381 -14.63 21.43 7.00
N LEU A 382 -13.88 20.34 7.04
CA LEU A 382 -14.37 19.09 7.59
C LEU A 382 -14.55 19.21 9.09
N MET A 383 -13.59 19.83 9.77
CA MET A 383 -13.69 20.07 11.20
C MET A 383 -14.90 20.94 11.51
N ARG A 384 -15.15 21.91 10.65
CA ARG A 384 -16.25 22.85 10.85
C ARG A 384 -17.61 22.17 10.67
N SER A 385 -17.69 21.25 9.70
CA SER A 385 -18.96 20.57 9.41
C SER A 385 -19.17 19.36 10.31
N ALA A 386 -18.09 18.70 10.69
CA ALA A 386 -18.17 17.59 11.63
C ALA A 386 -18.63 18.13 12.98
N ASP A 387 -18.16 19.33 13.30
CA ASP A 387 -18.56 20.08 14.50
C ASP A 387 -18.57 19.20 15.75
N PHE A 388 -17.39 18.66 16.09
CA PHE A 388 -17.27 17.70 17.18
C PHE A 388 -17.76 18.22 18.52
N ASN A 389 -17.50 19.49 18.78
CA ASN A 389 -17.86 20.10 20.08
C ASN A 389 -19.36 20.28 20.30
N THR A 390 -20.18 19.86 19.33
CA THR A 390 -21.63 19.94 19.48
C THR A 390 -22.28 18.58 19.22
N ASP A 391 -21.45 17.60 18.89
CA ASP A 391 -21.89 16.21 18.76
C ASP A 391 -22.41 15.77 20.12
N PRO A 392 -23.65 15.23 20.15
CA PRO A 392 -24.32 14.84 21.40
C PRO A 392 -23.52 13.82 22.21
N TYR A 393 -22.84 12.90 21.51
CA TYR A 393 -22.17 11.79 22.18
C TYR A 393 -20.83 12.16 22.80
N VAL A 394 -20.05 13.01 22.13
CA VAL A 394 -18.79 13.47 22.72
C VAL A 394 -19.07 14.49 23.83
N ARG A 395 -20.18 15.20 23.71
CA ARG A 395 -20.64 16.10 24.77
C ARG A 395 -21.04 15.26 25.98
N GLU A 396 -21.73 14.16 25.71
CA GLU A 396 -22.14 13.21 26.75
C GLU A 396 -20.94 12.71 27.56
N PHE A 397 -19.86 12.38 26.86
CA PHE A 397 -18.66 11.88 27.51
C PHE A 397 -17.70 12.99 27.92
N GLY A 398 -18.16 14.24 27.78
CA GLY A 398 -17.39 15.39 28.22
C GLY A 398 -16.10 15.62 27.48
N ILE A 399 -16.03 15.15 26.24
CA ILE A 399 -14.83 15.31 25.42
C ILE A 399 -14.87 16.63 24.66
N MET A 400 -13.72 17.29 24.56
CA MET A 400 -13.62 18.51 23.78
C MET A 400 -12.50 18.40 22.75
N VAL A 401 -12.81 18.71 21.50
CA VAL A 401 -11.81 18.67 20.43
C VAL A 401 -11.53 20.09 19.92
N LYS A 402 -10.26 20.42 19.77
CA LYS A 402 -9.86 21.73 19.30
C LYS A 402 -9.97 21.82 17.78
N ASP A 403 -10.46 22.97 17.29
CA ASP A 403 -10.63 23.18 15.86
C ASP A 403 -9.42 23.85 15.21
N GLU A 404 -8.33 23.97 15.96
CA GLU A 404 -7.07 24.45 15.39
C GLU A 404 -6.09 23.30 15.23
N MET A 405 -5.43 23.22 14.08
CA MET A 405 -4.43 22.19 13.84
C MET A 405 -3.23 22.41 14.75
N THR A 406 -2.63 21.29 15.18
CA THR A 406 -1.52 21.33 16.13
C THR A 406 -0.26 21.96 15.56
N ASP A 407 0.28 22.96 16.25
CA ASP A 407 1.54 23.58 15.87
C ASP A 407 2.70 22.66 16.19
N VAL A 408 3.55 22.37 15.21
CA VAL A 408 4.70 21.50 15.44
C VAL A 408 5.99 22.13 14.89
N THR A 409 7.05 22.10 15.71
CA THR A 409 8.37 22.50 15.24
C THR A 409 9.06 21.33 14.57
N GLY A 410 9.32 21.46 13.27
CA GLY A 410 10.04 20.44 12.55
C GLY A 410 11.47 20.88 12.28
N ARG A 411 12.31 19.94 11.87
CA ARG A 411 13.70 20.25 11.54
C ARG A 411 14.03 19.77 10.14
N VAL A 412 14.52 20.66 9.29
CA VAL A 412 14.91 20.30 7.94
C VAL A 412 16.36 19.83 7.92
N LEU A 413 16.54 18.52 7.80
CA LEU A 413 17.88 17.93 7.81
C LEU A 413 18.68 18.30 6.58
N GLN A 414 19.99 18.46 6.75
CA GLN A 414 20.88 18.72 5.63
C GLN A 414 21.06 17.44 4.81
N PRO A 415 20.90 17.56 3.49
CA PRO A 415 21.04 16.39 2.61
C PRO A 415 22.51 15.99 2.46
N PRO A 416 22.77 14.70 2.16
CA PRO A 416 24.15 14.27 1.93
C PRO A 416 24.62 14.73 0.55
N SER A 417 25.92 14.94 0.41
CA SER A 417 26.49 15.25 -0.90
C SER A 417 26.60 13.95 -1.70
N ILE A 418 26.38 14.04 -3.01
CA ILE A 418 26.44 12.86 -3.86
C ILE A 418 27.71 12.87 -4.70
N LEU A 419 28.56 11.87 -4.48
CA LEU A 419 29.83 11.78 -5.18
C LEU A 419 29.72 11.02 -6.50
N TYR A 420 30.17 11.68 -7.57
CA TYR A 420 30.20 11.05 -8.89
C TYR A 420 31.65 10.76 -9.29
N GLY A 421 31.83 10.12 -10.43
CA GLY A 421 33.16 9.73 -10.87
C GLY A 421 33.56 10.34 -12.19
N GLY A 422 34.17 9.52 -13.05
CA GLY A 422 34.62 9.98 -14.35
C GLY A 422 35.80 10.92 -14.26
N ARG A 423 35.86 11.87 -15.20
CA ARG A 423 36.96 12.82 -15.29
C ARG A 423 37.12 13.65 -14.04
N ASN A 424 36.14 14.50 -13.77
CA ASN A 424 36.24 15.52 -12.74
C ASN A 424 35.82 15.06 -11.33
N LYS A 425 35.17 13.90 -11.25
CA LYS A 425 34.61 13.39 -10.00
C LYS A 425 33.79 14.46 -9.29
N ALA A 426 32.71 14.90 -9.94
CA ALA A 426 31.92 16.01 -9.44
C ALA A 426 31.07 15.64 -8.24
N ILE A 427 30.89 16.59 -7.33
CA ILE A 427 30.05 16.40 -6.17
C ILE A 427 28.71 17.11 -6.36
N ALA A 428 27.63 16.34 -6.31
CA ALA A 428 26.29 16.89 -6.45
C ALA A 428 25.68 17.21 -5.09
N THR A 429 25.06 18.39 -5.00
CA THR A 429 24.33 18.79 -3.82
C THR A 429 22.84 18.89 -4.15
N PRO A 430 22.06 17.93 -3.67
CA PRO A 430 20.60 17.97 -3.71
C PRO A 430 20.03 19.31 -3.21
N VAL A 431 19.22 19.93 -4.04
CA VAL A 431 18.49 21.14 -3.67
C VAL A 431 17.02 20.85 -3.85
N GLN A 432 16.26 20.98 -2.76
CA GLN A 432 14.84 20.61 -2.73
C GLN A 432 14.67 19.14 -3.14
N GLY A 433 15.51 18.27 -2.57
CA GLY A 433 15.42 16.83 -2.81
C GLY A 433 15.74 16.40 -4.22
N VAL A 434 16.36 17.28 -5.00
CA VAL A 434 16.64 16.99 -6.41
C VAL A 434 18.03 17.46 -6.82
N TRP A 435 18.73 16.63 -7.58
CA TRP A 435 19.95 17.04 -8.26
C TRP A 435 19.94 16.47 -9.68
N ASP A 436 20.99 16.74 -10.45
CA ASP A 436 21.07 16.23 -11.81
C ASP A 436 22.46 15.74 -12.17
N MET A 437 22.62 15.30 -13.41
CA MET A 437 23.89 14.74 -13.87
C MET A 437 24.53 15.54 -15.00
N ARG A 438 24.09 16.78 -15.16
CA ARG A 438 24.80 17.71 -16.02
C ARG A 438 26.20 17.85 -15.43
N ASN A 439 27.17 18.20 -16.27
CA ASN A 439 28.60 18.18 -15.92
C ASN A 439 29.08 17.14 -14.88
N LYS A 440 28.53 15.93 -14.95
CA LYS A 440 28.88 14.84 -14.04
C LYS A 440 28.90 13.47 -14.73
N GLN A 441 29.65 12.52 -14.16
CA GLN A 441 29.75 11.17 -14.71
C GLN A 441 29.73 10.10 -13.62
N PHE A 442 29.29 8.89 -13.98
CA PHE A 442 29.14 7.78 -13.03
C PHE A 442 30.39 7.49 -12.20
N HIS A 443 30.17 7.08 -10.95
CA HIS A 443 31.26 6.71 -10.05
C HIS A 443 32.13 5.63 -10.69
N THR A 444 31.51 4.51 -11.06
CA THR A 444 32.13 3.54 -11.95
C THR A 444 31.13 3.19 -13.04
N GLY A 445 31.33 3.76 -14.22
CA GLY A 445 30.46 3.49 -15.35
C GLY A 445 30.95 2.33 -16.19
N ILE A 446 30.02 1.47 -16.62
CA ILE A 446 30.38 0.30 -17.39
C ILE A 446 30.55 0.62 -18.88
N GLU A 447 31.73 0.36 -19.41
CA GLU A 447 31.96 0.50 -20.83
C GLU A 447 31.26 -0.62 -21.58
N ILE A 448 30.27 -0.25 -22.39
CA ILE A 448 29.53 -1.24 -23.17
C ILE A 448 30.14 -1.40 -24.55
N LYS A 449 30.54 -2.63 -24.88
CA LYS A 449 31.15 -2.92 -26.16
C LYS A 449 30.29 -3.84 -27.02
N VAL A 450 29.53 -4.71 -26.36
CA VAL A 450 28.65 -5.64 -27.06
C VAL A 450 27.23 -5.55 -26.51
N TRP A 451 26.27 -5.31 -27.40
CA TRP A 451 24.87 -5.22 -27.02
C TRP A 451 23.96 -5.43 -28.21
N ALA A 452 22.71 -5.82 -27.96
CA ALA A 452 21.79 -6.14 -29.04
C ALA A 452 20.44 -5.43 -28.89
N ILE A 453 19.71 -5.33 -29.99
CA ILE A 453 18.40 -4.70 -30.00
C ILE A 453 17.31 -5.69 -30.41
N ALA A 454 16.28 -5.80 -29.58
CA ALA A 454 15.14 -6.66 -29.87
C ALA A 454 13.85 -5.84 -29.90
N CYS A 455 13.44 -5.43 -31.10
CA CYS A 455 12.24 -4.61 -31.23
C CYS A 455 11.00 -5.46 -31.43
N PHE A 456 10.08 -5.41 -30.46
CA PHE A 456 8.83 -6.14 -30.56
C PHE A 456 7.70 -5.25 -31.04
N ALA A 457 8.04 -4.02 -31.40
CA ALA A 457 7.11 -3.14 -32.09
C ALA A 457 7.28 -3.36 -33.58
N PRO A 458 6.18 -3.30 -34.35
CA PRO A 458 6.26 -3.51 -35.79
C PRO A 458 7.15 -2.50 -36.49
N GLN A 459 7.85 -2.95 -37.54
CA GLN A 459 8.68 -2.06 -38.36
C GLN A 459 7.82 -0.94 -38.94
N ARG A 460 6.55 -1.26 -39.17
CA ARG A 460 5.56 -0.30 -39.64
C ARG A 460 5.65 1.01 -38.88
N GLN A 461 5.69 0.92 -37.55
CA GLN A 461 5.60 2.08 -36.68
C GLN A 461 6.96 2.48 -36.10
N CYS A 462 7.75 1.50 -35.69
CA CYS A 462 9.11 1.77 -35.25
C CYS A 462 10.07 1.46 -36.39
N THR A 463 10.34 2.48 -37.22
CA THR A 463 11.14 2.31 -38.42
C THR A 463 12.62 2.16 -38.11
N GLU A 464 13.38 1.75 -39.12
CA GLU A 464 14.83 1.60 -38.98
C GLU A 464 15.48 2.94 -38.70
N VAL A 465 14.84 4.01 -39.20
CA VAL A 465 15.31 5.36 -38.94
C VAL A 465 15.22 5.70 -37.46
N HIS A 466 14.11 5.30 -36.85
CA HIS A 466 13.90 5.51 -35.42
C HIS A 466 15.01 4.86 -34.59
N LEU A 467 15.28 3.59 -34.87
CA LEU A 467 16.28 2.82 -34.14
C LEU A 467 17.65 3.47 -34.21
N LYS A 468 18.04 3.86 -35.42
CA LYS A 468 19.32 4.51 -35.69
C LYS A 468 19.40 5.87 -35.01
N SER A 469 18.29 6.61 -35.03
CA SER A 469 18.20 7.90 -34.36
C SER A 469 18.25 7.71 -32.85
N PHE A 470 17.50 6.72 -32.36
CA PHE A 470 17.48 6.38 -30.95
C PHE A 470 18.86 5.92 -30.47
N THR A 471 19.46 5.03 -31.25
CA THR A 471 20.78 4.48 -30.93
C THR A 471 21.83 5.58 -30.84
N GLU A 472 21.75 6.54 -31.76
CA GLU A 472 22.73 7.62 -31.83
C GLU A 472 22.60 8.57 -30.63
N GLN A 473 21.37 8.90 -30.29
CA GLN A 473 21.09 9.81 -29.19
C GLN A 473 21.41 9.15 -27.85
N LEU A 474 21.13 7.85 -27.76
CA LEU A 474 21.39 7.08 -26.55
C LEU A 474 22.88 7.06 -26.23
N ARG A 475 23.68 6.88 -27.27
CA ARG A 475 25.12 6.76 -27.10
C ARG A 475 25.76 8.08 -26.70
N LYS A 476 25.27 9.17 -27.30
CA LYS A 476 25.78 10.50 -26.95
C LYS A 476 25.56 10.77 -25.46
N ILE A 477 24.35 10.53 -24.99
CA ILE A 477 24.01 10.71 -23.59
C ILE A 477 24.84 9.80 -22.69
N SER A 478 24.93 8.53 -23.07
CA SER A 478 25.67 7.54 -22.29
C SER A 478 27.14 7.91 -22.18
N ARG A 479 27.68 8.41 -23.27
CA ARG A 479 29.03 8.94 -23.31
C ARG A 479 29.19 9.96 -22.19
N ASP A 480 28.29 10.94 -22.19
CA ASP A 480 28.30 12.02 -21.21
C ASP A 480 28.06 11.52 -19.79
N ALA A 481 27.34 10.41 -19.65
CA ALA A 481 27.00 9.88 -18.34
C ALA A 481 28.17 9.17 -17.68
N GLY A 482 29.21 8.89 -18.45
CA GLY A 482 30.35 8.15 -17.95
C GLY A 482 30.15 6.66 -18.11
N MET A 483 29.15 6.31 -18.92
CA MET A 483 28.88 4.92 -19.26
C MET A 483 28.93 4.79 -20.78
N PRO A 484 30.13 4.88 -21.35
CA PRO A 484 30.29 4.98 -22.81
C PRO A 484 29.86 3.71 -23.56
N ILE A 485 28.88 3.87 -24.45
CA ILE A 485 28.46 2.79 -25.33
C ILE A 485 29.24 2.89 -26.64
N GLN A 486 30.29 2.10 -26.78
CA GLN A 486 31.08 2.11 -28.01
C GLN A 486 30.50 1.10 -28.98
N GLY A 487 30.70 1.35 -30.28
CA GLY A 487 30.25 0.44 -31.30
C GLY A 487 28.74 0.38 -31.42
N GLN A 488 28.25 0.31 -32.65
CA GLN A 488 26.81 0.17 -32.87
C GLN A 488 26.40 -1.17 -32.27
N PRO A 489 25.10 -1.41 -32.08
CA PRO A 489 24.74 -2.72 -31.52
C PRO A 489 25.27 -3.85 -32.40
N CYS A 490 25.77 -4.91 -31.76
CA CYS A 490 26.30 -6.05 -32.49
C CYS A 490 25.18 -6.71 -33.27
N PHE A 491 23.96 -6.55 -32.77
CA PHE A 491 22.79 -7.22 -33.30
C PHE A 491 21.58 -6.31 -33.16
N CYS A 492 20.68 -6.38 -34.14
CA CYS A 492 19.48 -5.55 -34.12
C CYS A 492 18.42 -6.10 -35.07
N LYS A 493 17.37 -6.70 -34.52
CA LYS A 493 16.29 -7.25 -35.33
C LYS A 493 14.91 -7.01 -34.71
N TYR A 494 13.88 -7.48 -35.40
CA TYR A 494 12.51 -7.33 -34.95
C TYR A 494 11.90 -8.69 -34.60
N ALA A 495 10.77 -8.67 -33.89
CA ALA A 495 10.08 -9.89 -33.52
C ALA A 495 8.65 -9.61 -33.06
N GLN A 496 7.89 -10.66 -32.81
CA GLN A 496 6.53 -10.55 -32.30
C GLN A 496 6.11 -11.84 -31.59
N GLY A 497 5.43 -11.71 -30.47
CA GLY A 497 4.99 -12.85 -29.70
C GLY A 497 5.92 -13.15 -28.55
N ALA A 498 5.34 -13.56 -27.41
CA ALA A 498 6.15 -13.89 -26.23
C ALA A 498 6.90 -15.19 -26.43
N ASP A 499 6.37 -16.04 -27.31
CA ASP A 499 6.95 -17.35 -27.57
C ASP A 499 8.29 -17.25 -28.30
N SER A 500 8.60 -16.05 -28.78
CA SER A 500 9.78 -15.84 -29.60
C SER A 500 10.99 -15.37 -28.79
N VAL A 501 10.78 -15.11 -27.50
CA VAL A 501 11.80 -14.50 -26.66
C VAL A 501 13.01 -15.41 -26.40
N GLU A 502 12.78 -16.55 -25.75
CA GLU A 502 13.89 -17.42 -25.37
C GLU A 502 14.78 -17.93 -26.52
N PRO A 503 14.19 -18.53 -27.58
CA PRO A 503 15.02 -18.98 -28.70
C PRO A 503 15.86 -17.84 -29.25
N MET A 504 15.29 -16.64 -29.27
CA MET A 504 15.99 -15.45 -29.69
C MET A 504 17.08 -15.08 -28.69
N PHE A 505 16.80 -15.32 -27.41
CA PHE A 505 17.76 -15.04 -26.35
C PHE A 505 18.81 -16.15 -26.24
N ARG A 506 18.38 -17.39 -26.43
CA ARG A 506 19.30 -18.52 -26.52
C ARG A 506 20.31 -18.22 -27.62
N HIS A 507 19.79 -17.77 -28.76
CA HIS A 507 20.60 -17.36 -29.89
C HIS A 507 21.67 -16.36 -29.45
N LEU A 508 21.24 -15.15 -29.08
CA LEU A 508 22.15 -14.06 -28.70
C LEU A 508 23.25 -14.47 -27.73
N LYS A 509 22.86 -15.18 -26.68
CA LYS A 509 23.80 -15.61 -25.64
C LYS A 509 24.89 -16.51 -26.20
N ASN A 510 24.49 -17.46 -27.04
CA ASN A 510 25.44 -18.44 -27.57
C ASN A 510 26.38 -17.90 -28.65
N THR A 511 25.92 -16.94 -29.45
CA THR A 511 26.71 -16.47 -30.60
C THR A 511 27.53 -15.23 -30.28
N TYR A 512 26.98 -14.32 -29.49
CA TYR A 512 27.70 -13.09 -29.17
C TYR A 512 28.38 -13.21 -27.81
N ALA A 513 29.68 -13.48 -27.84
CA ALA A 513 30.47 -13.55 -26.62
C ALA A 513 30.73 -12.14 -26.11
N GLY A 514 30.67 -11.98 -24.79
CA GLY A 514 30.86 -10.67 -24.18
C GLY A 514 29.60 -9.84 -24.23
N LEU A 515 28.50 -10.45 -24.66
CA LEU A 515 27.21 -9.77 -24.72
C LEU A 515 26.78 -9.31 -23.34
N GLN A 516 26.64 -8.00 -23.18
CA GLN A 516 26.36 -7.41 -21.87
C GLN A 516 24.90 -7.06 -21.68
N LEU A 517 24.23 -6.66 -22.75
CA LEU A 517 22.88 -6.11 -22.63
C LEU A 517 22.01 -6.30 -23.86
N VAL A 518 20.74 -6.60 -23.63
CA VAL A 518 19.74 -6.67 -24.69
C VAL A 518 18.66 -5.60 -24.45
N VAL A 519 18.68 -4.54 -25.25
CA VAL A 519 17.64 -3.51 -25.16
C VAL A 519 16.40 -3.95 -25.93
N VAL A 520 15.32 -4.20 -25.21
CA VAL A 520 14.08 -4.67 -25.81
C VAL A 520 13.07 -3.53 -25.97
N ILE A 521 12.43 -3.46 -27.14
CA ILE A 521 11.47 -2.41 -27.42
C ILE A 521 10.05 -2.95 -27.50
N LEU A 522 9.14 -2.35 -26.74
CA LEU A 522 7.77 -2.84 -26.62
C LEU A 522 6.74 -1.76 -26.96
N PRO A 523 5.63 -2.17 -27.60
CA PRO A 523 4.51 -1.27 -27.85
C PRO A 523 3.42 -1.36 -26.78
N GLY A 524 3.53 -0.51 -25.75
CA GLY A 524 2.53 -0.46 -24.70
C GLY A 524 2.44 -1.72 -23.85
N LYS A 525 1.36 -1.84 -23.10
CA LYS A 525 1.12 -3.01 -22.23
C LYS A 525 1.01 -4.28 -23.05
N THR A 526 1.74 -5.32 -22.62
CA THR A 526 1.85 -6.57 -23.37
C THR A 526 2.60 -7.61 -22.54
N PRO A 527 2.19 -8.89 -22.63
CA PRO A 527 2.72 -9.92 -21.72
C PRO A 527 4.09 -10.46 -22.13
N VAL A 528 4.82 -9.73 -22.97
CA VAL A 528 6.16 -10.14 -23.38
C VAL A 528 7.20 -9.56 -22.42
N TYR A 529 6.88 -8.41 -21.85
CA TYR A 529 7.72 -7.81 -20.81
C TYR A 529 7.93 -8.81 -19.68
N ALA A 530 6.85 -9.44 -19.24
CA ALA A 530 6.92 -10.46 -18.21
C ALA A 530 7.74 -11.64 -18.70
N GLU A 531 7.62 -11.95 -19.99
CA GLU A 531 8.35 -13.07 -20.58
C GLU A 531 9.82 -12.72 -20.79
N VAL A 532 10.09 -11.47 -21.18
CA VAL A 532 11.45 -10.98 -21.34
C VAL A 532 12.22 -11.09 -20.02
N LYS A 533 11.56 -10.68 -18.94
CA LYS A 533 12.17 -10.71 -17.62
C LYS A 533 12.35 -12.14 -17.10
N ARG A 534 11.35 -12.99 -17.31
CA ARG A 534 11.41 -14.37 -16.85
C ARG A 534 12.58 -15.11 -17.49
N VAL A 535 12.73 -14.96 -18.80
CA VAL A 535 13.84 -15.58 -19.51
C VAL A 535 15.16 -14.92 -19.12
N GLY A 536 15.14 -13.59 -19.03
CA GLY A 536 16.34 -12.83 -18.72
C GLY A 536 16.84 -13.00 -17.30
N ASP A 537 15.95 -12.90 -16.33
CA ASP A 537 16.34 -12.93 -14.93
C ASP A 537 16.55 -14.35 -14.40
N THR A 538 15.68 -15.28 -14.80
CA THR A 538 15.66 -16.60 -14.18
C THR A 538 16.32 -17.70 -15.00
N VAL A 539 16.15 -17.65 -16.32
CA VAL A 539 16.62 -18.75 -17.17
C VAL A 539 18.04 -18.56 -17.68
N LEU A 540 18.24 -17.62 -18.59
CA LEU A 540 19.52 -17.44 -19.26
C LEU A 540 20.49 -16.55 -18.49
N GLY A 541 19.96 -15.64 -17.69
CA GLY A 541 20.80 -14.78 -16.88
C GLY A 541 21.43 -13.63 -17.66
N MET A 542 20.61 -12.89 -18.39
CA MET A 542 21.11 -11.78 -19.20
C MET A 542 20.43 -10.47 -18.82
N ALA A 543 21.22 -9.41 -18.74
CA ALA A 543 20.71 -8.08 -18.45
C ALA A 543 19.87 -7.58 -19.62
N THR A 544 18.64 -7.19 -19.34
CA THR A 544 17.74 -6.67 -20.37
C THR A 544 17.15 -5.33 -19.95
N GLN A 545 17.15 -4.37 -20.87
CA GLN A 545 16.54 -3.07 -20.60
C GLN A 545 15.38 -2.81 -21.56
N CYS A 546 14.16 -2.94 -21.05
CA CYS A 546 12.99 -2.68 -21.87
C CYS A 546 12.73 -1.19 -21.99
N VAL A 547 12.24 -0.78 -23.16
CA VAL A 547 11.92 0.61 -23.40
C VAL A 547 10.66 0.73 -24.27
N GLN A 548 9.79 1.67 -23.95
CA GLN A 548 8.58 1.89 -24.72
C GLN A 548 8.91 2.29 -26.16
N MET A 549 7.95 2.07 -27.06
CA MET A 549 8.11 2.44 -28.46
C MET A 549 8.15 3.95 -28.62
N LYS A 550 7.28 4.64 -27.89
CA LYS A 550 7.16 6.09 -27.99
C LYS A 550 8.43 6.82 -27.55
N ASN A 551 9.14 6.25 -26.57
CA ASN A 551 10.37 6.85 -26.08
C ASN A 551 11.56 6.58 -27.01
N VAL A 552 11.30 5.78 -28.06
CA VAL A 552 12.29 5.53 -29.10
C VAL A 552 12.05 6.46 -30.27
N GLN A 553 10.78 6.60 -30.64
CA GLN A 553 10.37 7.50 -31.72
C GLN A 553 10.73 8.94 -31.40
N ARG A 554 10.38 9.38 -30.19
CA ARG A 554 10.72 10.72 -29.73
C ARG A 554 11.59 10.65 -28.47
N THR A 555 12.89 10.84 -28.64
CA THR A 555 13.81 10.75 -27.53
C THR A 555 14.11 12.12 -26.92
N THR A 556 14.26 12.16 -25.60
CA THR A 556 14.66 13.36 -24.90
C THR A 556 15.89 13.04 -24.05
N PRO A 557 16.82 14.00 -23.94
CA PRO A 557 18.03 13.85 -23.11
C PRO A 557 17.76 13.39 -21.68
N GLN A 558 16.71 13.91 -21.05
CA GLN A 558 16.38 13.54 -19.68
C GLN A 558 15.91 12.09 -19.57
N THR A 559 15.07 11.67 -20.51
CA THR A 559 14.57 10.30 -20.54
C THR A 559 15.71 9.31 -20.78
N LEU A 560 16.56 9.63 -21.75
CA LEU A 560 17.72 8.80 -22.06
C LEU A 560 18.67 8.71 -20.87
N SER A 561 18.86 9.84 -20.19
CA SER A 561 19.74 9.88 -19.03
C SER A 561 19.22 8.97 -17.93
N ASN A 562 17.90 9.02 -17.70
CA ASN A 562 17.28 8.16 -16.71
C ASN A 562 17.32 6.68 -17.12
N LEU A 563 17.37 6.45 -18.43
CA LEU A 563 17.47 5.09 -18.96
C LEU A 563 18.87 4.54 -18.69
N CYS A 564 19.87 5.42 -18.76
CA CYS A 564 21.25 5.03 -18.53
C CYS A 564 21.53 4.73 -17.06
N LEU A 565 20.79 5.37 -16.18
CA LEU A 565 20.92 5.13 -14.74
C LEU A 565 20.66 3.66 -14.42
N LYS A 566 19.62 3.10 -15.04
CA LYS A 566 19.22 1.72 -14.81
C LYS A 566 20.19 0.76 -15.49
N ILE A 567 20.60 1.11 -16.70
CA ILE A 567 21.50 0.27 -17.50
C ILE A 567 22.83 0.05 -16.79
N ASN A 568 23.42 1.13 -16.27
CA ASN A 568 24.71 1.06 -15.61
C ASN A 568 24.72 0.11 -14.42
N VAL A 569 23.74 0.24 -13.54
CA VAL A 569 23.69 -0.59 -12.35
C VAL A 569 23.35 -2.05 -12.70
N LYS A 570 22.69 -2.25 -13.83
CA LYS A 570 22.32 -3.59 -14.26
C LYS A 570 23.49 -4.31 -14.92
N LEU A 571 24.58 -3.58 -15.17
CA LEU A 571 25.80 -4.17 -15.67
C LEU A 571 26.85 -4.24 -14.56
N GLY A 572 26.41 -3.95 -13.34
CA GLY A 572 27.29 -4.01 -12.18
C GLY A 572 27.97 -2.69 -11.89
N GLY A 573 27.61 -1.65 -12.63
CA GLY A 573 28.22 -0.35 -12.46
C GLY A 573 27.75 0.39 -11.24
N VAL A 574 28.45 1.46 -10.89
CA VAL A 574 28.10 2.28 -9.74
C VAL A 574 27.83 3.71 -10.18
N ASN A 575 26.56 4.10 -10.17
CA ASN A 575 26.15 5.43 -10.61
C ASN A 575 26.77 6.55 -9.77
N ASN A 576 26.61 6.42 -8.45
CA ASN A 576 27.14 7.39 -7.51
C ASN A 576 27.08 6.83 -6.10
N ILE A 577 27.78 7.48 -5.18
CA ILE A 577 27.75 7.08 -3.78
C ILE A 577 27.53 8.29 -2.89
N LEU A 578 27.10 8.04 -1.65
CA LEU A 578 27.04 9.09 -0.65
C LEU A 578 28.45 9.61 -0.47
N LEU A 579 28.59 10.91 -0.23
CA LEU A 579 29.90 11.46 0.11
C LEU A 579 30.38 10.75 1.37
N PRO A 580 31.44 9.96 1.25
CA PRO A 580 31.92 9.04 2.29
C PRO A 580 32.11 9.70 3.66
N GLN A 581 32.72 10.89 3.67
CA GLN A 581 32.95 11.62 4.91
C GLN A 581 31.68 12.33 5.40
N GLY A 582 30.68 12.42 4.53
CA GLY A 582 29.39 12.93 4.93
C GLY A 582 28.49 11.77 5.32
N ARG A 583 28.96 10.98 6.28
CA ARG A 583 28.23 9.80 6.73
C ARG A 583 28.24 9.67 8.25
N PRO A 584 27.15 9.13 8.81
CA PRO A 584 27.03 8.89 10.26
C PRO A 584 28.03 7.85 10.76
N PRO A 585 28.33 7.85 12.08
CA PRO A 585 29.30 6.95 12.71
C PRO A 585 29.02 5.46 12.53
N VAL A 586 27.85 5.09 12.02
CA VAL A 586 27.51 3.68 11.86
C VAL A 586 28.38 2.99 10.81
N PHE A 587 28.97 3.79 9.91
CA PHE A 587 29.79 3.24 8.84
C PHE A 587 31.24 2.99 9.25
N GLN A 588 31.53 3.16 10.54
CA GLN A 588 32.87 2.91 11.06
C GLN A 588 33.21 1.43 11.01
N GLN A 589 32.20 0.59 11.18
CA GLN A 589 32.38 -0.85 11.20
C GLN A 589 31.39 -1.54 10.26
N PRO A 590 31.75 -2.72 9.75
CA PRO A 590 30.91 -3.53 8.85
C PRO A 590 29.44 -3.57 9.24
N VAL A 591 28.60 -3.04 8.37
CA VAL A 591 27.15 -2.98 8.61
C VAL A 591 26.41 -3.35 7.34
N ILE A 592 25.34 -4.14 7.49
CA ILE A 592 24.50 -4.49 6.36
C ILE A 592 23.12 -3.84 6.51
N PHE A 593 22.60 -3.29 5.41
CA PHE A 593 21.29 -2.65 5.42
C PHE A 593 20.27 -3.53 4.72
N LEU A 594 19.21 -3.91 5.43
CA LEU A 594 18.19 -4.76 4.87
C LEU A 594 16.89 -4.00 4.60
N GLY A 595 16.25 -4.35 3.49
CA GLY A 595 14.95 -3.81 3.16
C GLY A 595 13.98 -4.95 2.89
N ALA A 596 12.93 -5.03 3.70
CA ALA A 596 11.98 -6.13 3.56
C ALA A 596 10.57 -5.63 3.31
N ASP A 597 9.85 -6.34 2.45
CA ASP A 597 8.48 -6.00 2.12
C ASP A 597 7.76 -7.19 1.51
N VAL A 598 6.49 -7.35 1.86
CA VAL A 598 5.66 -8.40 1.26
C VAL A 598 4.47 -7.78 0.54
N THR A 599 4.30 -8.16 -0.73
CA THR A 599 3.20 -7.66 -1.53
C THR A 599 2.11 -8.72 -1.66
N HIS A 600 0.86 -8.28 -1.61
CA HIS A 600 -0.28 -9.18 -1.66
C HIS A 600 -0.98 -9.11 -3.02
N PRO A 601 -1.60 -10.22 -3.46
CA PRO A 601 -2.22 -10.32 -4.79
C PRO A 601 -3.36 -9.33 -4.98
N PRO A 602 -3.66 -8.97 -6.25
CA PRO A 602 -4.64 -7.92 -6.52
C PRO A 602 -6.06 -8.41 -6.25
N LYS A 607 -6.36 -17.54 -2.49
CA LYS A 607 -6.26 -17.65 -3.95
C LYS A 607 -4.81 -17.57 -4.41
N LYS A 608 -4.36 -16.36 -4.75
CA LYS A 608 -3.00 -16.16 -5.22
C LYS A 608 -2.06 -15.89 -4.04
N PRO A 609 -0.79 -16.33 -4.16
CA PRO A 609 0.13 -16.23 -3.02
C PRO A 609 0.64 -14.81 -2.80
N SER A 610 1.07 -14.54 -1.58
CA SER A 610 1.76 -13.29 -1.28
C SER A 610 3.23 -13.47 -1.60
N ILE A 611 3.94 -12.37 -1.79
CA ILE A 611 5.35 -12.44 -2.16
C ILE A 611 6.22 -11.62 -1.20
N ALA A 612 7.11 -12.31 -0.50
CA ALA A 612 8.03 -11.64 0.43
C ALA A 612 9.38 -11.38 -0.24
N ALA A 613 9.88 -10.16 -0.12
CA ALA A 613 11.16 -9.80 -0.71
C ALA A 613 12.05 -9.10 0.31
N VAL A 614 13.28 -9.58 0.44
CA VAL A 614 14.25 -8.98 1.35
C VAL A 614 15.58 -8.73 0.63
N VAL A 615 15.99 -7.47 0.58
CA VAL A 615 17.26 -7.11 -0.05
C VAL A 615 18.29 -6.72 0.99
N GLY A 616 19.56 -6.75 0.62
CA GLY A 616 20.64 -6.41 1.53
C GLY A 616 21.82 -5.78 0.83
N SER A 617 22.40 -4.75 1.45
CA SER A 617 23.55 -4.06 0.88
C SER A 617 24.76 -4.98 0.79
N MET A 618 25.56 -4.79 -0.26
CA MET A 618 26.70 -5.65 -0.52
C MET A 618 28.02 -4.91 -0.51
N ASP A 619 28.00 -3.67 -0.02
CA ASP A 619 29.23 -2.89 0.13
C ASP A 619 29.10 -1.84 1.24
N ALA A 620 30.08 -0.95 1.32
CA ALA A 620 30.11 0.04 2.40
C ALA A 620 29.65 1.42 1.97
N HIS A 621 29.32 1.57 0.69
CA HIS A 621 28.94 2.87 0.14
C HIS A 621 27.74 3.54 0.85
N PRO A 622 26.59 2.85 0.97
CA PRO A 622 26.17 1.54 0.42
C PRO A 622 25.46 1.74 -0.91
N ASN A 623 25.71 0.86 -1.86
CA ASN A 623 25.13 1.01 -3.19
C ASN A 623 24.45 -0.25 -3.73
N ARG A 624 25.22 -1.32 -3.86
CA ARG A 624 24.71 -2.55 -4.49
C ARG A 624 23.97 -3.45 -3.52
N TYR A 625 22.82 -3.95 -3.96
CA TYR A 625 21.99 -4.81 -3.14
C TYR A 625 21.72 -6.16 -3.80
N CYS A 626 21.81 -7.22 -3.03
CA CYS A 626 21.38 -8.54 -3.48
C CYS A 626 19.94 -8.76 -3.04
N ALA A 627 19.19 -9.52 -3.84
CA ALA A 627 17.77 -9.72 -3.56
C ALA A 627 17.46 -11.18 -3.20
N THR A 628 16.61 -11.35 -2.19
CA THR A 628 16.04 -12.64 -1.87
C THR A 628 14.53 -12.52 -1.95
N VAL A 629 13.87 -13.52 -2.50
CA VAL A 629 12.44 -13.46 -2.71
C VAL A 629 11.77 -14.82 -2.52
N ARG A 630 10.58 -14.82 -1.93
CA ARG A 630 9.84 -16.05 -1.69
C ARG A 630 8.36 -15.87 -1.98
N VAL A 631 7.73 -16.91 -2.51
CA VAL A 631 6.28 -16.98 -2.50
C VAL A 631 5.88 -17.54 -1.14
N GLN A 632 4.75 -17.09 -0.62
CA GLN A 632 4.27 -17.61 0.66
C GLN A 632 2.75 -17.56 0.74
N GLN A 633 2.23 -17.88 1.93
CA GLN A 633 0.80 -17.94 2.17
C GLN A 633 0.06 -16.70 1.68
N HIS A 634 -1.06 -16.93 1.00
CA HIS A 634 -1.95 -15.87 0.55
C HIS A 634 -2.32 -14.94 1.71
N ARG A 635 -1.96 -13.68 1.57
CA ARG A 635 -2.29 -12.64 2.56
C ARG A 635 -1.60 -12.80 3.91
N GLN A 636 -0.48 -13.49 3.93
CA GLN A 636 0.32 -13.59 5.16
C GLN A 636 1.32 -12.46 5.21
N GLU A 637 1.18 -11.59 6.22
CA GLU A 637 2.01 -10.40 6.32
C GLU A 637 3.42 -10.69 6.83
N ILE A 638 3.55 -11.71 7.67
CA ILE A 638 4.86 -12.06 8.21
C ILE A 638 5.68 -12.83 7.18
N ILE A 639 6.95 -12.42 7.03
CA ILE A 639 7.88 -13.14 6.18
C ILE A 639 8.23 -14.46 6.84
N GLN A 640 7.62 -15.53 6.36
CA GLN A 640 7.76 -16.86 6.97
C GLN A 640 9.21 -17.33 6.92
N ASP A 641 9.80 -17.31 5.72
CA ASP A 641 11.13 -17.84 5.52
C ASP A 641 12.21 -16.79 5.69
N LEU A 642 11.98 -15.86 6.61
CA LEU A 642 12.89 -14.73 6.82
C LEU A 642 14.29 -15.18 7.25
N ALA A 643 14.36 -16.10 8.20
CA ALA A 643 15.64 -16.59 8.71
C ALA A 643 16.55 -17.10 7.60
N ALA A 644 15.96 -17.84 6.67
CA ALA A 644 16.71 -18.38 5.54
C ALA A 644 17.18 -17.27 4.59
N MET A 645 16.32 -16.29 4.36
CA MET A 645 16.63 -15.20 3.45
C MET A 645 17.73 -14.29 4.00
N VAL A 646 17.65 -13.99 5.29
CA VAL A 646 18.63 -13.15 5.94
C VAL A 646 20.00 -13.83 5.94
N ARG A 647 20.00 -15.14 6.14
CA ARG A 647 21.23 -15.92 6.11
C ARG A 647 21.91 -15.84 4.76
N GLU A 648 21.13 -16.03 3.69
CA GLU A 648 21.64 -15.93 2.32
C GLU A 648 22.34 -14.60 2.09
N LEU A 649 21.67 -13.53 2.49
CA LEU A 649 22.19 -12.17 2.31
C LEU A 649 23.46 -11.96 3.12
N LEU A 650 23.48 -12.49 4.34
CA LEU A 650 24.65 -12.39 5.20
C LEU A 650 25.86 -13.08 4.59
N ILE A 651 25.61 -14.22 3.95
CA ILE A 651 26.66 -14.94 3.22
C ILE A 651 27.13 -14.10 2.04
N GLN A 652 26.19 -13.64 1.23
CA GLN A 652 26.49 -12.80 0.07
C GLN A 652 27.28 -11.56 0.44
N PHE A 653 26.95 -10.98 1.60
CA PHE A 653 27.68 -9.83 2.11
C PHE A 653 29.13 -10.22 2.38
N TYR A 654 29.31 -11.38 3.02
CA TYR A 654 30.64 -11.83 3.39
C TYR A 654 31.50 -12.22 2.19
N LYS A 655 30.88 -12.67 1.11
CA LYS A 655 31.63 -13.06 -0.06
C LYS A 655 31.99 -11.84 -0.90
N SER A 656 31.19 -10.79 -0.76
CA SER A 656 31.43 -9.55 -1.51
C SER A 656 32.41 -8.63 -0.79
N THR A 657 32.36 -8.62 0.53
CA THR A 657 33.14 -7.67 1.32
C THR A 657 34.24 -8.34 2.15
N ARG A 658 34.20 -9.66 2.24
CA ARG A 658 35.09 -10.44 3.11
C ARG A 658 34.96 -10.05 4.59
N PHE A 659 33.82 -9.47 4.95
CA PHE A 659 33.58 -9.03 6.32
C PHE A 659 32.21 -9.49 6.81
N LYS A 660 32.12 -9.74 8.11
CA LYS A 660 30.85 -10.06 8.74
C LYS A 660 30.30 -8.79 9.37
N PRO A 661 29.08 -8.40 8.99
CA PRO A 661 28.48 -7.16 9.50
C PRO A 661 28.32 -7.18 11.02
N THR A 662 28.87 -6.16 11.69
CA THR A 662 28.76 -6.05 13.13
C THR A 662 27.39 -5.52 13.53
N ARG A 663 26.70 -4.94 12.55
CA ARG A 663 25.36 -4.41 12.78
C ARG A 663 24.42 -4.78 11.63
N ILE A 664 23.16 -5.03 11.97
CA ILE A 664 22.15 -5.31 10.96
C ILE A 664 20.99 -4.32 11.08
N ILE A 665 20.88 -3.42 10.12
CA ILE A 665 19.82 -2.43 10.12
C ILE A 665 18.67 -2.90 9.23
N PHE A 666 17.50 -3.09 9.83
CA PHE A 666 16.39 -3.73 9.16
C PHE A 666 15.20 -2.79 8.94
N TYR A 667 15.04 -2.32 7.70
CA TYR A 667 13.90 -1.48 7.35
C TYR A 667 12.75 -2.33 6.84
N ARG A 668 11.71 -2.46 7.67
CA ARG A 668 10.58 -3.32 7.37
C ARG A 668 9.35 -2.52 6.94
N ASP A 669 8.94 -2.69 5.69
CA ASP A 669 7.81 -1.96 5.15
C ASP A 669 6.54 -2.79 5.19
N GLY A 670 5.39 -2.12 5.10
CA GLY A 670 4.12 -2.78 4.92
C GLY A 670 3.56 -3.45 6.16
N VAL A 671 3.71 -2.81 7.31
CA VAL A 671 3.17 -3.37 8.54
C VAL A 671 2.35 -2.34 9.32
N SER A 672 1.12 -2.73 9.68
CA SER A 672 0.24 -1.87 10.45
C SER A 672 0.61 -1.94 11.92
N GLU A 673 0.22 -0.91 12.68
CA GLU A 673 0.52 -0.86 14.11
C GLU A 673 -0.08 -2.04 14.87
N GLY A 674 -1.24 -2.50 14.39
CA GLY A 674 -1.93 -3.60 15.04
C GLY A 674 -1.27 -4.95 14.84
N GLN A 675 -0.15 -4.95 14.13
CA GLN A 675 0.58 -6.19 13.83
C GLN A 675 2.04 -6.14 14.28
N PHE A 676 2.41 -5.09 15.01
CA PHE A 676 3.80 -4.89 15.44
C PHE A 676 4.33 -6.02 16.31
N GLN A 677 3.65 -6.26 17.44
CA GLN A 677 4.06 -7.28 18.41
C GLN A 677 4.22 -8.64 17.76
N GLN A 678 3.33 -8.94 16.80
CA GLN A 678 3.37 -10.21 16.09
C GLN A 678 4.56 -10.28 15.13
N VAL A 679 4.73 -9.24 14.32
CA VAL A 679 5.82 -9.22 13.35
C VAL A 679 7.18 -9.09 14.03
N LEU A 680 7.25 -8.26 15.07
CA LEU A 680 8.49 -8.08 15.82
C LEU A 680 8.92 -9.39 16.46
N HIS A 681 7.95 -10.17 16.90
CA HIS A 681 8.24 -11.44 17.56
C HIS A 681 8.92 -12.43 16.63
N HIS A 682 8.21 -12.89 15.62
CA HIS A 682 8.79 -13.89 14.71
C HIS A 682 9.97 -13.39 13.89
N GLU A 683 9.91 -12.13 13.46
CA GLU A 683 10.93 -11.62 12.55
C GLU A 683 12.25 -11.20 13.23
N LEU A 684 12.18 -10.63 14.42
CA LEU A 684 13.40 -10.31 15.15
C LEU A 684 14.11 -11.61 15.55
N LEU A 685 13.32 -12.59 15.97
CA LEU A 685 13.86 -13.91 16.29
C LEU A 685 14.42 -14.58 15.03
N ALA A 686 13.76 -14.35 13.90
CA ALA A 686 14.16 -14.95 12.64
C ALA A 686 15.55 -14.51 12.20
N ILE A 687 15.80 -13.20 12.26
CA ILE A 687 17.07 -12.65 11.83
C ILE A 687 18.16 -12.91 12.87
N ARG A 688 17.73 -13.15 14.11
CA ARG A 688 18.64 -13.54 15.16
C ARG A 688 18.98 -15.02 15.01
N GLU A 689 18.02 -15.77 14.48
CA GLU A 689 18.22 -17.19 14.19
C GLU A 689 19.23 -17.37 13.06
N ALA A 690 19.18 -16.46 12.09
CA ALA A 690 20.08 -16.52 10.95
C ALA A 690 21.53 -16.34 11.36
N CYS A 691 21.77 -15.48 12.35
CA CYS A 691 23.11 -15.25 12.85
C CYS A 691 23.63 -16.46 13.62
N ILE A 692 22.75 -17.07 14.41
CA ILE A 692 23.11 -18.27 15.17
C ILE A 692 23.39 -19.43 14.23
N LYS A 693 22.53 -19.59 13.22
CA LYS A 693 22.70 -20.61 12.20
C LYS A 693 24.03 -20.48 11.48
N LEU A 694 24.48 -19.23 11.30
CA LEU A 694 25.75 -18.95 10.65
C LEU A 694 26.91 -19.38 11.54
N GLU A 695 26.92 -18.85 12.75
CA GLU A 695 28.03 -19.05 13.68
C GLU A 695 27.52 -18.84 15.10
N LYS A 696 27.98 -19.69 16.01
CA LYS A 696 27.49 -19.70 17.39
C LYS A 696 27.65 -18.38 18.15
N ASP A 697 28.84 -17.81 18.11
CA ASP A 697 29.12 -16.59 18.85
C ASP A 697 29.09 -15.34 17.96
N TYR A 698 28.37 -15.43 16.85
CA TYR A 698 28.14 -14.28 15.98
C TYR A 698 26.85 -13.58 16.39
N GLN A 699 26.99 -12.38 16.95
CA GLN A 699 25.85 -11.66 17.50
C GLN A 699 25.88 -10.17 17.16
N PRO A 700 25.60 -9.83 15.90
CA PRO A 700 25.59 -8.42 15.48
C PRO A 700 24.38 -7.67 16.03
N GLY A 701 24.56 -6.39 16.33
CA GLY A 701 23.48 -5.57 16.84
C GLY A 701 22.41 -5.33 15.79
N ILE A 702 21.16 -5.59 16.17
CA ILE A 702 20.05 -5.45 15.24
C ILE A 702 19.18 -4.25 15.57
N THR A 703 18.94 -3.40 14.57
CA THR A 703 17.99 -2.31 14.71
C THR A 703 16.78 -2.59 13.83
N PHE A 704 15.64 -2.87 14.46
CA PHE A 704 14.41 -3.20 13.74
C PHE A 704 13.55 -1.96 13.59
N ILE A 705 13.41 -1.49 12.36
CA ILE A 705 12.62 -0.29 12.08
C ILE A 705 11.52 -0.57 11.07
N VAL A 706 10.29 -0.26 11.44
CA VAL A 706 9.18 -0.36 10.50
C VAL A 706 8.94 0.98 9.82
N VAL A 707 8.80 0.95 8.49
CA VAL A 707 8.53 2.17 7.74
C VAL A 707 7.08 2.18 7.25
N GLN A 708 6.38 3.26 7.57
CA GLN A 708 4.98 3.40 7.19
C GLN A 708 4.74 4.61 6.30
N LYS A 709 4.17 4.36 5.13
CA LYS A 709 3.80 5.41 4.19
C LYS A 709 2.28 5.55 4.17
N ARG A 710 1.60 4.51 4.63
CA ARG A 710 0.14 4.47 4.64
C ARG A 710 -0.42 4.88 5.98
N HIS A 711 -0.52 6.19 6.20
CA HIS A 711 -1.12 6.75 7.40
C HIS A 711 -1.77 8.06 6.99
N HIS A 712 -2.41 8.75 7.92
CA HIS A 712 -3.11 9.98 7.57
C HIS A 712 -2.64 11.23 8.31
N THR A 713 -1.35 11.26 8.67
CA THR A 713 -0.80 12.48 9.23
C THR A 713 -0.14 13.32 8.15
N ARG A 714 -0.54 14.58 8.11
CA ARG A 714 -0.08 15.53 7.13
C ARG A 714 0.64 16.68 7.83
N LEU A 715 1.69 17.19 7.21
CA LEU A 715 2.40 18.33 7.76
C LEU A 715 2.35 19.50 6.78
N PHE A 716 2.00 20.68 7.27
CA PHE A 716 1.88 21.86 6.43
C PHE A 716 2.76 22.97 6.98
N CYS A 717 3.33 23.76 6.08
CA CYS A 717 4.15 24.90 6.47
C CYS A 717 3.28 26.00 7.08
N THR A 718 3.72 26.54 8.21
CA THR A 718 3.02 27.66 8.84
C THR A 718 3.34 28.94 8.07
N ASP A 719 4.62 29.11 7.74
CA ASP A 719 5.06 30.21 6.88
C ASP A 719 4.85 29.85 5.42
N LYS A 720 4.29 30.78 4.65
CA LYS A 720 4.11 30.58 3.22
C LYS A 720 5.44 30.65 2.49
N ASN A 721 6.43 31.25 3.14
CA ASN A 721 7.77 31.34 2.57
C ASN A 721 8.46 29.97 2.50
N GLU A 722 8.02 29.05 3.33
CA GLU A 722 8.64 27.73 3.42
C GLU A 722 8.03 26.72 2.45
N ARG A 723 6.89 27.06 1.86
CA ARG A 723 6.25 26.19 0.88
C ARG A 723 7.16 25.96 -0.32
N VAL A 724 7.11 24.76 -0.88
CA VAL A 724 7.97 24.42 -2.02
C VAL A 724 7.14 23.95 -3.21
N GLY A 725 7.41 24.53 -4.38
CA GLY A 725 6.73 24.13 -5.61
C GLY A 725 5.29 24.60 -5.69
N LYS A 726 4.62 24.25 -6.78
CA LYS A 726 3.22 24.63 -6.96
C LYS A 726 2.32 23.88 -5.98
N SER A 727 2.78 22.71 -5.55
CA SER A 727 2.02 21.88 -4.61
C SER A 727 2.11 22.44 -3.20
N GLY A 728 3.08 23.33 -2.99
CA GLY A 728 3.24 24.02 -1.72
C GLY A 728 3.47 23.09 -0.54
N ASN A 729 4.23 22.02 -0.77
CA ASN A 729 4.52 21.07 0.29
C ASN A 729 5.73 21.45 1.13
N ILE A 730 5.89 20.76 2.26
CA ILE A 730 7.06 20.92 3.11
C ILE A 730 8.31 20.50 2.33
N PRO A 731 9.47 21.10 2.66
CA PRO A 731 10.71 20.81 1.92
C PRO A 731 11.21 19.38 2.12
N ALA A 732 12.06 18.90 1.23
CA ALA A 732 12.64 17.57 1.38
C ALA A 732 13.56 17.53 2.60
N GLY A 733 13.16 16.74 3.61
CA GLY A 733 14.02 16.53 4.75
C GLY A 733 13.49 16.96 6.12
N THR A 734 12.29 17.55 6.16
CA THR A 734 11.74 17.97 7.46
C THR A 734 11.36 16.78 8.34
N THR A 735 11.85 16.80 9.57
CA THR A 735 11.70 15.68 10.48
C THR A 735 10.89 16.09 11.71
N VAL A 736 9.96 15.22 12.11
CA VAL A 736 9.16 15.45 13.31
C VAL A 736 9.26 14.26 14.25
N ASP A 737 9.78 14.49 15.44
CA ASP A 737 9.87 13.45 16.46
C ASP A 737 9.34 13.95 17.80
N THR A 738 8.57 15.04 17.75
CA THR A 738 8.00 15.64 18.96
C THR A 738 6.50 15.88 18.83
N LYS A 739 5.86 16.02 19.99
CA LYS A 739 4.46 16.48 20.08
C LYS A 739 3.38 15.55 19.51
N ILE A 740 3.56 15.09 18.27
CA ILE A 740 2.55 14.25 17.65
C ILE A 740 2.99 12.79 17.55
N THR A 741 4.23 12.54 17.93
CA THR A 741 4.79 11.19 17.89
C THR A 741 4.46 10.43 19.18
N HIS A 742 5.01 9.22 19.31
CA HIS A 742 4.71 8.37 20.46
C HIS A 742 5.26 8.98 21.75
N PRO A 743 4.46 8.93 22.82
CA PRO A 743 4.83 9.48 24.13
C PRO A 743 6.09 8.85 24.75
N THR A 744 6.34 7.57 24.48
CA THR A 744 7.45 6.88 25.12
C THR A 744 8.42 6.20 24.15
N GLU A 745 7.87 5.60 23.10
CA GLU A 745 8.67 4.79 22.18
C GLU A 745 9.48 5.62 21.18
N PHE A 746 10.30 4.94 20.40
CA PHE A 746 11.20 5.59 19.45
C PHE A 746 10.57 5.63 18.07
N ASP A 747 9.97 6.77 17.72
CA ASP A 747 9.38 6.95 16.40
C ASP A 747 9.56 8.39 15.90
N PHE A 748 9.60 8.55 14.59
CA PHE A 748 9.71 9.87 13.99
C PHE A 748 9.16 9.91 12.58
N TYR A 749 8.70 11.08 12.16
CA TYR A 749 8.29 11.29 10.78
C TYR A 749 9.44 11.93 9.99
N LEU A 750 9.63 11.50 8.76
CA LEU A 750 10.64 12.09 7.90
C LEU A 750 10.16 12.19 6.46
N CYS A 751 9.91 13.41 6.01
CA CYS A 751 9.54 13.65 4.62
C CYS A 751 10.82 13.85 3.82
N SER A 752 11.38 12.74 3.33
CA SER A 752 12.67 12.76 2.66
C SER A 752 12.56 13.20 1.21
N HIS A 753 11.36 13.19 0.67
CA HIS A 753 11.16 13.48 -0.74
C HIS A 753 10.55 14.87 -0.97
N ALA A 754 10.75 15.39 -2.17
CA ALA A 754 10.13 16.65 -2.56
C ALA A 754 8.76 16.38 -3.16
N GLY A 755 7.74 17.04 -2.62
CA GLY A 755 6.38 16.88 -3.10
C GLY A 755 6.18 17.47 -4.48
N ILE A 756 5.99 16.61 -5.47
CA ILE A 756 5.76 17.06 -6.84
C ILE A 756 4.28 17.32 -7.06
N GLN A 757 3.46 16.35 -6.67
CA GLN A 757 2.02 16.42 -6.87
C GLN A 757 1.30 16.26 -5.53
N GLY A 758 0.10 16.83 -5.44
CA GLY A 758 -0.74 16.67 -4.27
C GLY A 758 -0.08 17.02 -2.95
N THR A 759 -0.56 16.41 -1.88
CA THR A 759 0.02 16.61 -0.56
C THR A 759 0.98 15.48 -0.23
N SER A 760 2.18 15.83 0.22
CA SER A 760 3.19 14.83 0.55
C SER A 760 2.75 13.94 1.71
N ARG A 761 3.02 12.64 1.62
CA ARG A 761 2.94 11.78 2.79
C ARG A 761 4.32 11.69 3.42
N PRO A 762 4.49 12.26 4.61
CA PRO A 762 5.75 12.08 5.34
C PRO A 762 5.85 10.66 5.85
N SER A 763 6.91 9.94 5.46
CA SER A 763 7.09 8.57 5.90
C SER A 763 7.27 8.48 7.41
N HIS A 764 6.65 7.49 8.02
CA HIS A 764 6.78 7.28 9.46
C HIS A 764 7.73 6.12 9.75
N TYR A 765 8.58 6.29 10.74
CA TYR A 765 9.55 5.26 11.11
C TYR A 765 9.44 4.94 12.60
N HIS A 766 9.13 3.69 12.91
CA HIS A 766 8.97 3.28 14.31
C HIS A 766 10.00 2.21 14.65
N VAL A 767 10.87 2.52 15.60
CA VAL A 767 11.94 1.62 16.00
C VAL A 767 11.47 0.60 17.02
N LEU A 768 11.26 -0.63 16.57
CA LEU A 768 10.74 -1.70 17.44
C LEU A 768 11.84 -2.35 18.27
N TRP A 769 13.09 -2.18 17.84
CA TRP A 769 14.22 -2.78 18.55
C TRP A 769 15.53 -2.12 18.09
N ASP A 770 16.48 -2.00 19.00
CA ASP A 770 17.75 -1.34 18.69
C ASP A 770 18.88 -1.72 19.65
N ASP A 771 19.66 -2.74 19.28
CA ASP A 771 20.81 -3.16 20.08
C ASP A 771 21.93 -2.14 19.93
N ASN A 772 21.91 -1.41 18.82
CA ASN A 772 22.98 -0.49 18.47
C ASN A 772 22.90 0.84 19.22
N ARG A 773 21.77 1.07 19.89
CA ARG A 773 21.57 2.28 20.71
C ARG A 773 21.88 3.55 19.90
N PHE A 774 21.08 3.79 18.87
CA PHE A 774 21.23 4.98 18.04
C PHE A 774 20.69 6.18 18.78
N SER A 775 21.25 7.36 18.49
CA SER A 775 20.66 8.60 18.95
C SER A 775 19.54 8.93 17.98
N SER A 776 18.68 9.87 18.34
CA SER A 776 17.61 10.29 17.44
C SER A 776 18.18 10.92 16.18
N ASP A 777 19.15 11.81 16.35
CA ASP A 777 19.77 12.50 15.22
C ASP A 777 20.45 11.55 14.24
N GLU A 778 21.32 10.68 14.74
CA GLU A 778 22.08 9.80 13.87
C GLU A 778 21.19 8.87 13.06
N LEU A 779 20.14 8.34 13.70
CA LEU A 779 19.20 7.48 13.00
C LEU A 779 18.47 8.28 11.92
N GLN A 780 17.84 9.38 12.34
CA GLN A 780 17.10 10.23 11.41
C GLN A 780 17.94 10.71 10.23
N ILE A 781 19.21 11.01 10.47
CA ILE A 781 20.13 11.38 9.40
C ILE A 781 20.44 10.17 8.53
N LEU A 782 20.59 9.00 9.18
CA LEU A 782 20.92 7.77 8.46
C LEU A 782 19.84 7.39 7.44
N THR A 783 18.59 7.33 7.87
CA THR A 783 17.51 6.94 6.95
C THR A 783 17.32 7.98 5.87
N TYR A 784 17.61 9.24 6.19
CA TYR A 784 17.49 10.32 5.21
C TYR A 784 18.56 10.18 4.12
N GLN A 785 19.79 9.86 4.53
CA GLN A 785 20.87 9.66 3.57
C GLN A 785 20.61 8.43 2.70
N LEU A 786 20.01 7.39 3.29
CA LEU A 786 19.69 6.18 2.55
C LEU A 786 18.63 6.44 1.49
N CYS A 787 17.87 7.52 1.65
CA CYS A 787 16.88 7.91 0.66
C CYS A 787 17.54 8.59 -0.54
N HIS A 788 18.84 8.82 -0.44
CA HIS A 788 19.59 9.43 -1.53
C HIS A 788 20.40 8.39 -2.31
N THR A 789 20.23 7.12 -1.98
CA THR A 789 21.00 6.06 -2.60
C THR A 789 20.16 5.24 -3.59
N TYR A 790 18.99 5.76 -3.93
CA TYR A 790 18.11 5.11 -4.89
C TYR A 790 18.60 5.39 -6.31
N VAL A 791 18.99 4.33 -7.01
CA VAL A 791 19.73 4.47 -8.28
C VAL A 791 18.90 4.81 -9.51
N ARG A 792 17.57 4.71 -9.41
CA ARG A 792 16.71 4.91 -10.57
C ARG A 792 16.44 6.39 -10.90
N CYS A 793 16.82 7.28 -9.99
CA CYS A 793 16.63 8.71 -10.23
C CYS A 793 17.54 9.55 -9.34
N THR A 794 17.91 10.73 -9.85
CA THR A 794 18.74 11.65 -9.10
C THR A 794 17.88 12.49 -8.15
N ARG A 795 17.05 11.80 -7.36
CA ARG A 795 16.17 12.45 -6.41
C ARG A 795 16.24 11.72 -5.08
N SER A 796 15.94 12.42 -4.00
CA SER A 796 15.73 11.78 -2.71
C SER A 796 14.33 11.19 -2.71
N VAL A 797 14.24 9.89 -2.44
CA VAL A 797 12.95 9.20 -2.49
C VAL A 797 12.24 9.18 -1.13
N SER A 798 10.96 8.80 -1.15
CA SER A 798 10.11 8.88 0.04
C SER A 798 10.48 7.87 1.12
N ILE A 799 11.07 6.75 0.72
CA ILE A 799 11.50 5.73 1.67
C ILE A 799 12.95 5.35 1.34
N PRO A 800 13.68 4.81 2.33
CA PRO A 800 15.07 4.40 2.08
C PRO A 800 15.16 3.40 0.93
N ALA A 801 16.27 3.46 0.19
CA ALA A 801 16.48 2.60 -0.98
C ALA A 801 16.28 1.08 -0.75
N PRO A 802 16.83 0.52 0.36
CA PRO A 802 16.59 -0.91 0.59
C PRO A 802 15.10 -1.28 0.69
N ALA A 803 14.31 -0.43 1.33
CA ALA A 803 12.88 -0.67 1.43
C ALA A 803 12.23 -0.57 0.06
N TYR A 804 12.68 0.40 -0.74
CA TYR A 804 12.13 0.62 -2.07
C TYR A 804 12.52 -0.53 -3.00
N TYR A 805 13.76 -0.98 -2.88
CA TYR A 805 14.25 -2.11 -3.67
C TYR A 805 13.45 -3.37 -3.36
N ALA A 806 13.13 -3.58 -2.09
CA ALA A 806 12.33 -4.72 -1.67
C ALA A 806 10.99 -4.75 -2.39
N HIS A 807 10.38 -3.58 -2.54
CA HIS A 807 9.11 -3.45 -3.25
C HIS A 807 9.28 -3.85 -4.72
N LEU A 808 10.33 -3.35 -5.35
CA LEU A 808 10.60 -3.65 -6.75
C LEU A 808 10.84 -5.13 -6.99
N VAL A 809 11.55 -5.77 -6.06
CA VAL A 809 11.87 -7.19 -6.17
C VAL A 809 10.62 -8.06 -6.14
N ALA A 810 9.77 -7.84 -5.12
CA ALA A 810 8.53 -8.60 -4.96
C ALA A 810 7.59 -8.39 -6.16
N PHE A 811 7.68 -7.21 -6.75
CA PHE A 811 6.82 -6.85 -7.87
C PHE A 811 7.37 -7.37 -9.19
N ARG A 812 8.68 -7.48 -9.28
CA ARG A 812 9.32 -8.13 -10.43
C ARG A 812 8.99 -9.62 -10.38
N ALA A 813 8.85 -10.13 -9.17
CA ALA A 813 8.49 -11.52 -8.95
C ALA A 813 7.09 -11.82 -9.47
N ARG A 814 6.22 -10.80 -9.44
CA ARG A 814 4.87 -10.92 -9.97
C ARG A 814 4.90 -11.24 -11.46
N TYR A 815 5.76 -10.52 -12.19
CA TYR A 815 5.92 -10.75 -13.62
C TYR A 815 6.60 -12.10 -13.90
N HIS A 816 7.44 -12.53 -12.96
CA HIS A 816 8.10 -13.83 -13.04
C HIS A 816 7.09 -14.97 -12.88
N LEU A 817 5.95 -14.64 -12.28
CA LEU A 817 4.90 -15.62 -11.99
C LEU A 817 4.00 -15.84 -13.20
N VAL A 818 4.52 -15.53 -14.39
CA VAL A 818 3.83 -15.75 -15.65
C VAL A 818 2.53 -14.95 -15.73
N GLN A 840 5.53 -24.49 -4.85
CA GLN A 840 6.54 -25.52 -5.03
C GLN A 840 7.18 -25.41 -6.42
N ALA A 841 6.35 -25.07 -7.41
CA ALA A 841 6.83 -24.72 -8.73
C ALA A 841 6.74 -23.20 -8.82
N LEU A 842 5.87 -22.65 -7.98
CA LEU A 842 5.76 -21.21 -7.79
C LEU A 842 7.05 -20.68 -7.20
N ALA A 843 7.59 -21.41 -6.23
CA ALA A 843 8.83 -21.01 -5.55
C ALA A 843 10.03 -21.08 -6.49
N LYS A 844 9.82 -21.68 -7.66
CA LYS A 844 10.89 -21.87 -8.64
C LYS A 844 10.76 -20.88 -9.80
N ALA A 845 9.54 -20.56 -10.17
CA ALA A 845 9.28 -19.56 -11.21
C ALA A 845 9.64 -18.17 -10.68
N VAL A 846 10.11 -18.13 -9.45
CA VAL A 846 10.50 -16.90 -8.78
C VAL A 846 12.01 -16.93 -8.48
N GLN A 847 12.58 -18.12 -8.45
CA GLN A 847 14.02 -18.28 -8.22
C GLN A 847 14.82 -17.76 -9.41
N VAL A 848 15.88 -17.03 -9.10
CA VAL A 848 16.55 -16.21 -10.09
C VAL A 848 17.98 -16.72 -10.40
N HIS A 849 18.38 -16.60 -11.65
CA HIS A 849 19.67 -17.12 -12.15
C HIS A 849 20.87 -16.66 -11.32
N GLN A 850 21.90 -17.50 -11.25
CA GLN A 850 23.06 -17.25 -10.40
C GLN A 850 23.82 -15.97 -10.77
N ASP A 851 23.96 -15.72 -12.08
CA ASP A 851 24.75 -14.60 -12.57
C ASP A 851 24.06 -13.24 -12.43
N THR A 852 22.74 -13.27 -12.33
CA THR A 852 21.97 -12.03 -12.22
C THR A 852 21.98 -11.52 -10.78
N LEU A 853 22.15 -12.45 -9.84
CA LEU A 853 22.13 -12.10 -8.42
C LEU A 853 23.19 -11.07 -8.07
N ARG A 854 24.35 -11.18 -8.71
CA ARG A 854 25.42 -10.22 -8.45
C ARG A 854 25.15 -8.87 -9.14
N THR A 855 23.89 -8.68 -9.56
CA THR A 855 23.43 -7.44 -10.14
C THR A 855 22.08 -7.05 -9.55
N MET A 856 21.80 -5.74 -9.52
CA MET A 856 20.49 -5.27 -9.13
C MET A 856 19.56 -5.33 -10.34
N TYR A 857 19.19 -6.56 -10.69
CA TYR A 857 18.39 -6.84 -11.87
C TYR A 857 17.02 -6.17 -11.79
N PHE A 858 16.56 -5.95 -10.56
CA PHE A 858 15.23 -5.41 -10.31
C PHE A 858 15.17 -3.90 -10.53
N ALA A 859 16.33 -3.28 -10.72
CA ALA A 859 16.41 -1.84 -10.89
C ALA A 859 15.62 -1.36 -12.10
#